data_6RH8
#
_entry.id   6RH8
#
_cell.length_a   68.547
_cell.length_b   92.189
_cell.length_c   175.015
_cell.angle_alpha   90.00
_cell.angle_beta   93.61
_cell.angle_gamma   90.00
#
_symmetry.space_group_name_H-M   'I 1 2 1'
#
loop_
_entity.id
_entity.type
_entity.pdbx_description
1 polymer 'Sensor histidine kinase'
2 polymer 'Response regulator'
3 non-polymer "ADENOSINE-5'-DIPHOSPHATE"
4 non-polymer 'SULFATE ION'
5 water water
#
loop_
_entity_poly.entity_id
_entity_poly.type
_entity_poly.pdbx_seq_one_letter_code
_entity_poly.pdbx_strand_id
1 'polypeptide(L)'
;VENVTESKELERLKRIDRMKTEFIANISAELRTPLTAIKAYAETIYNSLGELDLSTLKEFLEVIIDQSNHLENLLNELLD
FSRLERKSLQINREKVDLCDLVESAVNAIKEFASSHNVNVLFESNVPCPVEAYIDPTRIRQVLLNLLNNGVKYSKKDAPD
KYVKVILDEKDGGVLIIVEDNGIGIPDHAKDRIFEQFYRVDSSLTYEVPGTGLGLAITKEIVELHGGRIWVESEVGKGSR
FFVWIPKDRAGEDNRQDN
;
A,B
2 'polypeptide(L)'
;MSKKVLLVDDSAVLRKIVSFNLKKEGYEVIEAENGQIALEKLSEFTPDLIVLAIMMPVMDGFTVLKKLQEKEEWKRIPVI
VLTAKGGEEDESLALSLGARKVMRKPFSPSQFIEEVKHLLNE
;
C,D
#
loop_
_chem_comp.id
_chem_comp.type
_chem_comp.name
_chem_comp.formula
ADP non-polymer ADENOSINE-5'-DIPHOSPHATE 'C10 H15 N5 O10 P2'
SO4 non-polymer 'SULFATE ION' 'O4 S -2'
#
# COMPACT_ATOMS: atom_id res chain seq x y z
N ARG A 12 -1.96 -32.14 3.86
CA ARG A 12 -1.06 -31.43 4.82
C ARG A 12 -1.83 -30.44 5.71
N LEU A 13 -1.65 -30.54 7.03
CA LEU A 13 -2.07 -29.47 7.95
C LEU A 13 -1.17 -28.27 7.63
N LYS A 14 -1.77 -27.09 7.47
CA LYS A 14 -1.05 -25.93 6.90
C LYS A 14 -1.75 -24.57 7.20
N ARG A 15 -1.24 -23.48 6.63
CA ARG A 15 -1.76 -22.13 6.89
C ARG A 15 -3.24 -22.01 6.60
N ILE A 16 -3.97 -22.07 7.69
CA ILE A 16 -5.41 -22.06 7.65
C ILE A 16 -5.91 -20.80 6.89
N ASP A 17 -6.93 -21.06 6.09
CA ASP A 17 -7.78 -20.05 5.53
C ASP A 17 -8.20 -18.89 6.50
N ARG A 18 -8.29 -19.21 7.79
CA ARG A 18 -8.58 -18.20 8.82
C ARG A 18 -7.38 -17.24 8.96
N MET A 19 -6.18 -17.82 8.83
CA MET A 19 -4.93 -17.11 8.95
C MET A 19 -4.69 -16.27 7.70
N LYS A 20 -4.82 -16.85 6.49
CA LYS A 20 -4.86 -16.01 5.25
C LYS A 20 -5.91 -14.84 5.28
N THR A 21 -7.14 -15.05 5.73
CA THR A 21 -8.10 -13.99 5.85
C THR A 21 -7.62 -12.85 6.83
N GLU A 22 -7.12 -13.27 7.99
CA GLU A 22 -6.55 -12.30 8.96
C GLU A 22 -5.38 -11.55 8.36
N PHE A 23 -4.56 -12.24 7.59
CA PHE A 23 -3.44 -11.68 6.90
C PHE A 23 -3.80 -10.56 5.91
N ILE A 24 -4.86 -10.80 5.14
CA ILE A 24 -5.34 -9.85 4.17
C ILE A 24 -5.87 -8.62 4.90
N ALA A 25 -6.65 -8.82 5.96
CA ALA A 25 -7.06 -7.70 6.81
C ALA A 25 -5.87 -6.91 7.40
N ASN A 26 -4.84 -7.60 7.86
CA ASN A 26 -3.66 -7.01 8.48
C ASN A 26 -2.83 -6.18 7.49
N ILE A 27 -2.80 -6.60 6.22
CA ILE A 27 -2.17 -5.82 5.13
C ILE A 27 -2.85 -4.50 4.97
N SER A 28 -4.16 -4.53 4.83
CA SER A 28 -4.95 -3.36 4.70
C SER A 28 -4.66 -2.41 5.87
N ALA A 29 -4.74 -2.92 7.10
CA ALA A 29 -4.53 -2.06 8.28
C ALA A 29 -3.12 -1.44 8.37
N GLU A 30 -2.06 -2.21 8.16
CA GLU A 30 -0.71 -1.68 8.31
C GLU A 30 -0.39 -0.64 7.24
N LEU A 31 -0.94 -0.78 6.01
CA LEU A 31 -0.74 0.18 4.94
C LEU A 31 -1.59 1.45 5.05
N ARG A 32 -2.73 1.35 5.72
CA ARG A 32 -3.60 2.44 5.84
C ARG A 32 -3.07 3.57 6.73
N THR A 33 -2.23 3.26 7.70
CA THR A 33 -1.69 4.28 8.56
C THR A 33 -0.72 5.26 7.81
N PRO A 34 0.31 4.75 7.12
CA PRO A 34 1.10 5.70 6.33
C PRO A 34 0.33 6.39 5.24
N LEU A 35 -0.62 5.72 4.62
CA LEU A 35 -1.41 6.30 3.54
C LEU A 35 -2.24 7.46 4.06
N THR A 36 -2.79 7.31 5.28
CA THR A 36 -3.54 8.35 5.88
C THR A 36 -2.70 9.62 6.02
N ALA A 37 -1.48 9.46 6.50
CA ALA A 37 -0.56 10.59 6.64
C ALA A 37 -0.26 11.18 5.31
N ILE A 38 0.04 10.36 4.33
CA ILE A 38 0.38 10.87 2.97
C ILE A 38 -0.76 11.74 2.47
N LYS A 39 -2.00 11.23 2.50
CA LYS A 39 -3.10 11.97 1.94
C LYS A 39 -3.45 13.20 2.72
N ALA A 40 -3.45 13.13 4.07
CA ALA A 40 -3.75 14.28 4.91
C ALA A 40 -2.73 15.45 4.73
N TYR A 41 -1.47 15.09 4.71
CA TYR A 41 -0.37 16.04 4.59
C TYR A 41 -0.44 16.65 3.16
N ALA A 42 -0.69 15.84 2.13
CA ALA A 42 -0.72 16.35 0.78
C ALA A 42 -1.90 17.30 0.57
N GLU A 43 -3.09 16.88 1.00
CA GLU A 43 -4.24 17.77 0.87
C GLU A 43 -4.11 19.04 1.68
N THR A 44 -3.50 18.97 2.87
CA THR A 44 -3.32 20.11 3.70
C THR A 44 -2.39 21.08 2.96
N ILE A 45 -1.33 20.58 2.36
CA ILE A 45 -0.38 21.47 1.62
C ILE A 45 -1.15 22.15 0.51
N TYR A 46 -1.92 21.38 -0.24
CA TYR A 46 -2.61 21.85 -1.44
C TYR A 46 -3.61 22.93 -1.02
N ASN A 47 -4.30 22.73 0.08
CA ASN A 47 -5.29 23.74 0.49
C ASN A 47 -4.79 24.88 1.30
N SER A 48 -3.54 24.85 1.74
CA SER A 48 -3.01 25.81 2.66
C SER A 48 -1.80 26.52 2.15
N LEU A 49 -1.62 26.53 0.85
CA LEU A 49 -0.40 27.07 0.28
C LEU A 49 -0.24 28.58 0.70
N GLY A 50 -1.33 29.36 0.81
CA GLY A 50 -1.30 30.67 1.55
C GLY A 50 -1.03 30.79 3.05
N GLU A 51 -1.25 29.78 3.83
CA GLU A 51 -1.13 29.85 5.29
C GLU A 51 0.12 29.08 5.71
N LEU A 52 0.92 28.66 4.73
CA LEU A 52 2.00 27.77 5.04
C LEU A 52 3.28 28.52 4.91
N ASP A 53 4.07 28.54 5.97
CA ASP A 53 5.44 28.99 5.84
C ASP A 53 6.32 27.96 5.21
N LEU A 54 7.45 28.44 4.76
CA LEU A 54 8.37 27.57 4.10
C LEU A 54 8.89 26.44 4.95
N SER A 55 9.18 26.70 6.24
CA SER A 55 9.71 25.69 7.06
C SER A 55 8.67 24.56 7.25
N THR A 56 7.44 24.94 7.33
CA THR A 56 6.33 23.97 7.57
C THR A 56 5.99 23.20 6.26
N LEU A 57 5.96 23.88 5.12
CA LEU A 57 5.90 23.25 3.83
C LEU A 57 6.96 22.16 3.71
N LYS A 58 8.22 22.48 4.02
CA LYS A 58 9.27 21.49 3.90
C LYS A 58 9.10 20.34 4.86
N GLU A 59 8.72 20.66 6.09
CA GLU A 59 8.46 19.64 7.10
C GLU A 59 7.33 18.69 6.63
N PHE A 60 6.28 19.23 6.04
CA PHE A 60 5.14 18.42 5.60
C PHE A 60 5.52 17.54 4.37
N LEU A 61 6.33 18.05 3.47
CA LEU A 61 6.85 17.24 2.41
C LEU A 61 7.74 16.10 2.89
N GLU A 62 8.58 16.37 3.89
CA GLU A 62 9.41 15.33 4.52
C GLU A 62 8.59 14.21 5.14
N VAL A 63 7.47 14.58 5.76
CA VAL A 63 6.56 13.56 6.27
C VAL A 63 6.01 12.69 5.15
N ILE A 64 5.56 13.28 4.03
CA ILE A 64 5.09 12.50 2.90
C ILE A 64 6.13 11.50 2.40
N ILE A 65 7.37 11.99 2.28
CA ILE A 65 8.46 11.19 1.79
C ILE A 65 8.78 10.11 2.77
N ASP A 66 8.89 10.45 4.04
CA ASP A 66 9.24 9.40 5.01
C ASP A 66 8.13 8.33 5.19
N GLN A 67 6.88 8.76 5.15
CA GLN A 67 5.73 7.78 5.19
C GLN A 67 5.70 6.92 3.96
N SER A 68 6.04 7.50 2.79
CA SER A 68 6.21 6.72 1.56
C SER A 68 7.28 5.63 1.68
N ASN A 69 8.38 5.97 2.33
CA ASN A 69 9.47 5.06 2.55
C ASN A 69 9.05 3.91 3.46
N HIS A 70 8.26 4.21 4.48
CA HIS A 70 7.76 3.16 5.37
C HIS A 70 6.86 2.22 4.60
N LEU A 71 5.95 2.77 3.82
CA LEU A 71 5.06 2.00 3.00
C LEU A 71 5.86 1.10 2.03
N GLU A 72 6.90 1.63 1.43
CA GLU A 72 7.76 0.90 0.53
C GLU A 72 8.37 -0.31 1.22
N ASN A 73 8.82 -0.13 2.45
CA ASN A 73 9.39 -1.22 3.23
C ASN A 73 8.39 -2.34 3.44
N LEU A 74 7.16 -1.98 3.73
CA LEU A 74 6.07 -2.91 3.93
C LEU A 74 5.79 -3.71 2.67
N LEU A 75 5.87 -3.06 1.52
CA LEU A 75 5.65 -3.72 0.24
C LEU A 75 6.78 -4.65 -0.06
N ASN A 76 7.97 -4.25 0.30
CA ASN A 76 9.14 -5.05 0.10
C ASN A 76 9.09 -6.35 0.92
N GLU A 77 8.47 -6.31 2.08
CA GLU A 77 8.27 -7.47 2.90
C GLU A 77 7.41 -8.45 2.13
N LEU A 78 6.34 -7.98 1.55
CA LEU A 78 5.48 -8.85 0.77
C LEU A 78 6.19 -9.44 -0.42
N LEU A 79 7.00 -8.65 -1.08
CA LEU A 79 7.74 -9.11 -2.23
C LEU A 79 8.73 -10.16 -1.85
N ASP A 80 9.53 -9.88 -0.84
CA ASP A 80 10.53 -10.81 -0.34
C ASP A 80 9.92 -12.13 0.09
N PHE A 81 8.80 -12.09 0.81
CA PHE A 81 8.09 -13.31 1.18
C PHE A 81 7.62 -14.12 -0.06
N SER A 82 7.05 -13.48 -1.07
CA SER A 82 6.63 -14.20 -2.29
C SER A 82 7.86 -14.78 -2.94
N ARG A 83 8.98 -14.05 -2.93
CA ARG A 83 10.20 -14.53 -3.58
C ARG A 83 10.84 -15.74 -2.85
N LEU A 84 10.76 -15.74 -1.53
CA LEU A 84 11.22 -16.87 -0.74
C LEU A 84 10.28 -18.06 -0.95
N GLU A 85 8.98 -17.87 -0.96
CA GLU A 85 8.03 -18.97 -1.21
C GLU A 85 8.19 -19.64 -2.57
N ARG A 86 8.59 -18.87 -3.58
CA ARG A 86 8.93 -19.38 -4.92
C ARG A 86 10.35 -19.87 -5.05
N LYS A 87 11.17 -19.64 -4.04
CA LYS A 87 12.60 -19.98 -4.04
C LYS A 87 13.52 -19.20 -5.02
N SER A 88 13.03 -18.10 -5.60
CA SER A 88 13.87 -17.24 -6.46
C SER A 88 14.80 -16.34 -5.67
N LEU A 89 14.52 -16.13 -4.39
CA LEU A 89 15.42 -15.30 -3.61
C LEU A 89 16.64 -16.15 -3.35
N GLN A 90 17.77 -15.69 -3.84
CA GLN A 90 18.98 -16.43 -3.62
C GLN A 90 20.10 -15.51 -3.28
N ILE A 91 20.71 -15.86 -2.16
CA ILE A 91 21.81 -15.24 -1.45
C ILE A 91 23.06 -15.02 -2.28
N ASN A 92 23.83 -13.99 -1.95
CA ASN A 92 25.10 -13.68 -2.61
C ASN A 92 26.03 -13.16 -1.53
N ARG A 93 26.95 -13.99 -1.04
CA ARG A 93 27.85 -13.62 0.06
C ARG A 93 29.11 -12.80 -0.19
N GLU A 94 29.65 -12.20 0.87
CA GLU A 94 30.84 -11.37 0.88
C GLU A 94 31.45 -11.39 2.25
N LYS A 95 32.57 -10.69 2.40
CA LYS A 95 33.26 -10.59 3.67
C LYS A 95 32.85 -9.25 4.25
N VAL A 96 32.09 -9.31 5.32
CA VAL A 96 31.52 -8.14 5.93
C VAL A 96 31.99 -8.08 7.36
N ASP A 97 32.30 -6.87 7.84
CA ASP A 97 32.47 -6.67 9.30
C ASP A 97 31.06 -6.61 9.96
N LEU A 98 30.71 -7.61 10.77
CA LEU A 98 29.39 -7.62 11.43
C LEU A 98 29.17 -6.42 12.34
N CYS A 99 30.25 -5.90 12.94
CA CYS A 99 30.21 -4.74 13.82
C CYS A 99 29.69 -3.49 13.12
N ASP A 100 30.14 -3.23 11.89
CA ASP A 100 29.61 -2.10 11.11
C ASP A 100 28.17 -2.37 10.72
N LEU A 101 27.91 -3.59 10.25
CA LEU A 101 26.57 -3.97 9.81
C LEU A 101 25.53 -3.74 10.93
N VAL A 102 25.83 -4.23 12.12
CA VAL A 102 24.93 -4.06 13.29
C VAL A 102 24.72 -2.57 13.62
N GLU A 103 25.83 -1.81 13.69
CA GLU A 103 25.75 -0.36 13.98
C GLU A 103 24.90 0.36 12.96
N SER A 104 25.09 -0.01 11.72
CA SER A 104 24.30 0.48 10.63
C SER A 104 22.79 0.16 10.79
N ALA A 105 22.45 -1.07 11.17
CA ALA A 105 21.08 -1.46 11.41
C ALA A 105 20.50 -0.68 12.58
N VAL A 106 21.26 -0.57 13.67
CA VAL A 106 20.87 0.20 14.85
C VAL A 106 20.56 1.66 14.50
N ASN A 107 21.36 2.24 13.60
CA ASN A 107 21.14 3.62 13.18
C ASN A 107 19.87 3.72 12.40
N ALA A 108 19.65 2.76 11.50
CA ALA A 108 18.45 2.70 10.67
C ALA A 108 17.15 2.69 11.44
N ILE A 109 17.16 2.18 12.68
CA ILE A 109 15.93 2.03 13.45
C ILE A 109 15.75 3.10 14.58
N LYS A 110 16.74 3.96 14.76
CA LYS A 110 16.81 5.01 15.81
C LYS A 110 15.50 5.83 15.95
N GLU A 111 15.01 6.36 14.82
CA GLU A 111 13.82 7.21 14.80
C GLU A 111 12.57 6.46 15.23
N PHE A 112 12.44 5.23 14.73
CA PHE A 112 11.30 4.42 15.08
C PHE A 112 11.37 4.08 16.58
N ALA A 113 12.57 3.70 17.08
CA ALA A 113 12.69 3.35 18.49
C ALA A 113 12.33 4.55 19.39
N SER A 114 12.83 5.73 19.05
CA SER A 114 12.51 7.02 19.76
C SER A 114 11.04 7.34 19.81
N SER A 115 10.41 7.12 18.68
CA SER A 115 8.97 7.29 18.58
C SER A 115 8.21 6.42 19.60
N HIS A 116 8.81 5.30 20.06
CA HIS A 116 8.25 4.45 21.08
C HIS A 116 8.97 4.45 22.43
N ASN A 117 9.90 5.39 22.57
CA ASN A 117 10.78 5.56 23.77
C ASN A 117 11.56 4.32 24.13
N VAL A 118 12.13 3.69 23.11
CA VAL A 118 12.88 2.46 23.27
C VAL A 118 14.31 2.86 23.00
N ASN A 119 15.21 2.56 23.94
CA ASN A 119 16.66 2.75 23.76
C ASN A 119 17.19 1.53 22.99
N VAL A 120 17.99 1.76 21.95
CA VAL A 120 18.65 0.70 21.21
C VAL A 120 20.17 0.66 21.52
N LEU A 121 20.64 -0.49 22.01
CA LEU A 121 22.03 -0.69 22.40
C LEU A 121 22.68 -1.79 21.52
N PHE A 122 24.01 -1.74 21.51
CA PHE A 122 24.86 -2.74 20.85
C PHE A 122 26.09 -3.07 21.76
N GLU A 123 26.33 -4.36 22.06
CA GLU A 123 27.58 -4.85 22.72
C GLU A 123 28.14 -5.99 21.90
N SER A 124 29.47 -6.03 21.83
CA SER A 124 30.21 -7.18 21.29
C SER A 124 30.88 -7.87 22.49
N ASN A 125 30.82 -9.20 22.55
CA ASN A 125 31.56 -9.97 23.53
C ASN A 125 32.99 -10.26 23.04
N VAL A 126 33.24 -9.95 21.77
CA VAL A 126 34.46 -10.24 21.09
C VAL A 126 34.91 -8.90 20.50
N PRO A 127 36.23 -8.66 20.33
CA PRO A 127 36.65 -7.36 19.79
C PRO A 127 36.44 -7.28 18.28
N CYS A 128 36.20 -6.08 17.77
CA CYS A 128 35.90 -5.85 16.33
C CYS A 128 37.20 -5.57 15.52
N PRO A 129 37.25 -5.85 14.19
CA PRO A 129 36.12 -6.33 13.38
C PRO A 129 35.72 -7.75 13.70
N VAL A 130 34.55 -8.16 13.21
CA VAL A 130 34.06 -9.52 13.35
C VAL A 130 33.61 -9.92 11.96
N GLU A 131 34.53 -10.48 11.19
CA GLU A 131 34.33 -10.75 9.77
C GLU A 131 33.53 -12.01 9.58
N ALA A 132 32.68 -12.01 8.56
CA ALA A 132 31.88 -13.18 8.24
C ALA A 132 31.59 -13.19 6.77
N TYR A 133 31.38 -14.39 6.22
CA TYR A 133 31.09 -14.58 4.80
C TYR A 133 29.58 -14.65 4.64
N ILE A 134 28.95 -13.47 4.47
CA ILE A 134 27.46 -13.36 4.47
C ILE A 134 27.03 -12.35 3.42
N ASP A 135 25.80 -12.53 2.95
CA ASP A 135 25.07 -11.51 2.22
C ASP A 135 24.68 -10.32 3.15
N PRO A 136 25.29 -9.14 2.92
CA PRO A 136 25.07 -8.04 3.85
C PRO A 136 23.66 -7.45 3.80
N THR A 137 23.01 -7.55 2.65
CA THR A 137 21.70 -7.03 2.39
C THR A 137 20.70 -7.84 3.19
N ARG A 138 20.83 -9.16 3.09
CA ARG A 138 19.85 -10.03 3.65
C ARG A 138 20.08 -10.15 5.16
N ILE A 139 21.33 -10.04 5.62
CA ILE A 139 21.59 -10.09 7.08
C ILE A 139 21.18 -8.78 7.76
N ARG A 140 21.41 -7.67 7.09
CA ARG A 140 20.83 -6.37 7.54
C ARG A 140 19.31 -6.45 7.72
N GLN A 141 18.64 -7.07 6.77
CA GLN A 141 17.21 -7.25 6.85
C GLN A 141 16.70 -8.21 7.94
N VAL A 142 17.48 -9.26 8.22
CA VAL A 142 17.27 -10.03 9.46
C VAL A 142 17.41 -9.17 10.68
N LEU A 143 18.47 -8.36 10.77
CA LEU A 143 18.70 -7.53 11.97
C LEU A 143 17.59 -6.50 12.13
N LEU A 144 17.18 -5.87 11.03
CA LEU A 144 16.08 -4.88 11.13
C LEU A 144 14.75 -5.48 11.49
N ASN A 145 14.43 -6.70 11.05
CA ASN A 145 13.20 -7.34 11.46
C ASN A 145 13.24 -7.59 12.94
N LEU A 146 14.37 -8.09 13.48
CA LEU A 146 14.45 -8.33 14.91
C LEU A 146 14.41 -7.03 15.74
N LEU A 147 15.10 -6.03 15.27
CA LEU A 147 15.16 -4.73 15.94
C LEU A 147 13.77 -4.06 15.93
N ASN A 148 13.12 -4.08 14.78
CA ASN A 148 11.74 -3.62 14.63
C ASN A 148 10.80 -4.32 15.55
N ASN A 149 10.89 -5.65 15.65
CA ASN A 149 10.02 -6.38 16.53
C ASN A 149 10.27 -6.02 18.02
N GLY A 150 11.52 -5.79 18.37
CA GLY A 150 11.84 -5.36 19.75
C GLY A 150 11.24 -3.98 20.12
N VAL A 151 11.07 -3.13 19.13
CA VAL A 151 10.35 -1.86 19.29
C VAL A 151 8.84 -2.06 19.31
N LYS A 152 8.30 -2.74 18.29
CA LYS A 152 6.86 -3.00 18.24
C LYS A 152 6.24 -3.66 19.45
N TYR A 153 6.93 -4.64 20.03
CA TYR A 153 6.44 -5.47 21.13
C TYR A 153 7.08 -5.09 22.48
N SER A 154 7.54 -3.87 22.54
CA SER A 154 8.09 -3.29 23.76
C SER A 154 6.99 -3.04 24.75
N LYS A 155 7.37 -2.89 26.02
CA LYS A 155 6.37 -2.59 27.04
C LYS A 155 5.60 -1.26 26.70
N LYS A 156 4.38 -1.18 27.17
CA LYS A 156 3.45 -0.10 26.82
C LYS A 156 3.74 1.19 27.59
N ASP A 157 4.18 1.05 28.84
CA ASP A 157 4.36 2.25 29.66
C ASP A 157 5.43 1.92 30.68
N ALA A 158 6.65 2.21 30.33
CA ALA A 158 7.78 1.84 31.17
C ALA A 158 8.90 2.79 30.84
N PRO A 159 9.68 3.16 31.87
CA PRO A 159 10.73 4.14 31.72
C PRO A 159 12.07 3.63 31.18
N ASP A 160 12.26 2.33 31.06
CA ASP A 160 13.61 1.77 30.77
C ASP A 160 13.54 0.67 29.65
N LYS A 161 12.75 0.95 28.60
CA LYS A 161 12.47 -0.04 27.50
C LYS A 161 13.71 -0.08 26.68
N TYR A 162 14.20 -1.27 26.27
CA TYR A 162 15.34 -1.30 25.39
C TYR A 162 15.28 -2.49 24.41
N VAL A 163 16.07 -2.37 23.36
CA VAL A 163 16.40 -3.54 22.48
C VAL A 163 17.90 -3.52 22.36
N LYS A 164 18.56 -4.67 22.57
CA LYS A 164 20.04 -4.76 22.61
C LYS A 164 20.53 -5.84 21.63
N VAL A 165 21.39 -5.48 20.67
CA VAL A 165 22.07 -6.49 19.84
C VAL A 165 23.38 -6.94 20.51
N ILE A 166 23.55 -8.25 20.80
CA ILE A 166 24.81 -8.82 21.40
C ILE A 166 25.46 -9.67 20.32
N LEU A 167 26.67 -9.27 19.93
CA LEU A 167 27.47 -10.04 18.98
C LEU A 167 28.48 -10.99 19.70
N ASP A 168 28.62 -12.20 19.15
CA ASP A 168 29.55 -13.21 19.68
C ASP A 168 29.96 -14.20 18.61
N GLU A 169 31.04 -14.93 18.86
CA GLU A 169 31.56 -16.00 18.00
C GLU A 169 31.41 -17.32 18.74
N LYS A 170 30.70 -18.30 18.18
CA LYS A 170 30.39 -19.53 18.90
C LYS A 170 30.22 -20.67 17.93
N ASP A 171 30.73 -21.86 18.30
CA ASP A 171 30.43 -23.12 17.60
C ASP A 171 30.76 -23.06 16.11
N GLY A 172 31.85 -22.37 15.80
CA GLY A 172 32.30 -22.21 14.44
C GLY A 172 31.48 -21.24 13.62
N GLY A 173 30.87 -20.25 14.27
CA GLY A 173 30.13 -19.23 13.53
C GLY A 173 29.90 -17.99 14.35
N VAL A 174 29.02 -17.11 13.84
CA VAL A 174 28.72 -15.88 14.58
C VAL A 174 27.34 -16.04 15.19
N LEU A 175 27.23 -15.63 16.45
CA LEU A 175 25.99 -15.73 17.19
C LEU A 175 25.57 -14.28 17.51
N ILE A 176 24.42 -13.91 16.95
CA ILE A 176 23.76 -12.62 17.18
C ILE A 176 22.58 -12.81 18.11
N ILE A 177 22.53 -12.09 19.22
CA ILE A 177 21.40 -12.17 20.12
C ILE A 177 20.71 -10.80 20.06
N VAL A 178 19.38 -10.80 19.89
CA VAL A 178 18.60 -9.53 20.05
C VAL A 178 17.74 -9.72 21.21
N GLU A 179 18.00 -8.90 22.22
CA GLU A 179 17.36 -9.02 23.48
C GLU A 179 16.52 -7.71 23.73
N ASP A 180 15.37 -7.91 24.35
CA ASP A 180 14.49 -6.86 24.79
C ASP A 180 13.88 -7.14 26.13
N ASN A 181 13.39 -6.07 26.76
CA ASN A 181 12.60 -6.22 28.00
C ASN A 181 11.11 -5.86 27.70
N GLY A 182 10.63 -6.32 26.54
CA GLY A 182 9.20 -6.22 26.16
C GLY A 182 8.20 -7.07 26.83
N ILE A 183 7.11 -7.32 26.08
CA ILE A 183 5.99 -8.03 26.59
C ILE A 183 6.21 -9.51 26.74
N GLY A 184 7.20 -10.04 26.02
CA GLY A 184 7.51 -11.45 26.07
C GLY A 184 6.46 -12.23 25.31
N ILE A 185 6.73 -13.52 25.16
CA ILE A 185 5.94 -14.41 24.33
C ILE A 185 5.49 -15.64 25.12
N PRO A 186 4.17 -15.98 25.10
CA PRO A 186 3.60 -17.13 25.83
C PRO A 186 4.08 -18.44 25.29
N ASP A 187 4.16 -19.45 26.16
CA ASP A 187 4.87 -20.67 25.82
C ASP A 187 4.25 -21.40 24.62
N HIS A 188 2.91 -21.43 24.54
CA HIS A 188 2.21 -22.01 23.40
C HIS A 188 2.54 -21.28 22.09
N ALA A 189 2.79 -19.97 22.15
CA ALA A 189 3.15 -19.16 20.94
C ALA A 189 4.56 -19.38 20.43
N LYS A 190 5.47 -19.69 21.37
CA LYS A 190 6.90 -19.78 21.03
C LYS A 190 7.24 -20.69 19.91
N ASP A 191 6.51 -21.80 19.79
CA ASP A 191 6.85 -22.76 18.71
C ASP A 191 6.18 -22.38 17.38
N ARG A 192 5.29 -21.38 17.39
CA ARG A 192 4.51 -20.91 16.24
C ARG A 192 5.00 -19.57 15.66
N ILE A 193 5.81 -18.79 16.39
CA ILE A 193 6.10 -17.40 15.97
C ILE A 193 6.86 -17.27 14.66
N PHE A 194 7.62 -18.30 14.28
CA PHE A 194 8.32 -18.30 13.01
C PHE A 194 7.44 -18.69 11.79
N GLU A 195 6.20 -19.09 12.00
CA GLU A 195 5.35 -19.58 10.92
C GLU A 195 4.80 -18.38 10.11
N GLN A 196 4.67 -18.53 8.80
CA GLN A 196 4.03 -17.51 8.02
C GLN A 196 2.64 -17.18 8.51
N PHE A 197 2.36 -15.88 8.59
CA PHE A 197 1.11 -15.30 8.98
C PHE A 197 0.81 -15.37 10.49
N TYR A 198 1.65 -15.99 11.29
CA TYR A 198 1.33 -16.16 12.72
C TYR A 198 1.60 -14.88 13.52
N ARG A 199 0.61 -14.41 14.23
CA ARG A 199 0.78 -13.30 15.18
C ARG A 199 0.14 -13.68 16.46
N VAL A 200 0.78 -13.33 17.56
CA VAL A 200 0.14 -13.63 18.85
C VAL A 200 -1.00 -12.64 18.98
N ASP A 201 -2.17 -13.15 19.29
CA ASP A 201 -3.33 -12.26 19.41
C ASP A 201 -3.66 -12.14 20.92
N SER A 202 -3.34 -10.99 21.48
CA SER A 202 -3.60 -10.78 22.90
C SER A 202 -3.94 -9.35 23.15
N SER A 203 -4.27 -9.08 24.41
CA SER A 203 -4.59 -7.74 24.82
C SER A 203 -3.35 -6.84 24.78
N LEU A 204 -2.15 -7.40 24.72
CA LEU A 204 -0.94 -6.57 24.57
C LEU A 204 -0.43 -6.43 23.13
N THR A 205 -1.13 -7.00 22.18
CA THR A 205 -0.75 -6.86 20.77
C THR A 205 -1.86 -6.31 19.85
N TYR A 206 -3.07 -6.10 20.31
CA TYR A 206 -4.21 -5.70 19.43
C TYR A 206 -3.94 -4.46 18.56
N GLU A 207 -3.18 -3.49 19.07
CA GLU A 207 -2.94 -2.24 18.31
C GLU A 207 -1.69 -2.27 17.43
N VAL A 208 -0.87 -3.32 17.53
CA VAL A 208 0.44 -3.29 16.89
C VAL A 208 0.26 -3.73 15.48
N PRO A 209 0.74 -2.95 14.49
CA PRO A 209 0.51 -3.38 13.13
C PRO A 209 1.45 -4.51 12.72
N GLY A 210 1.02 -5.32 11.77
CA GLY A 210 1.90 -6.35 11.24
C GLY A 210 1.15 -7.39 10.41
N THR A 211 1.89 -8.20 9.70
CA THR A 211 1.38 -9.30 8.87
C THR A 211 1.68 -10.72 9.31
N GLY A 212 2.71 -10.89 10.17
CA GLY A 212 3.14 -12.19 10.59
C GLY A 212 4.12 -12.77 9.59
N LEU A 213 4.64 -11.96 8.70
CA LEU A 213 5.65 -12.44 7.73
C LEU A 213 7.05 -12.27 8.17
N GLY A 214 7.33 -11.25 8.98
CA GLY A 214 8.71 -10.89 9.23
C GLY A 214 9.63 -12.06 9.74
N LEU A 215 9.16 -12.82 10.70
CA LEU A 215 10.03 -13.85 11.31
C LEU A 215 10.10 -15.09 10.38
N ALA A 216 9.12 -15.24 9.50
CA ALA A 216 9.15 -16.30 8.50
C ALA A 216 10.18 -15.96 7.46
N ILE A 217 10.25 -14.71 7.01
CA ILE A 217 11.29 -14.22 6.17
C ILE A 217 12.65 -14.35 6.80
N THR A 218 12.73 -13.93 8.07
CA THR A 218 13.98 -13.99 8.74
C THR A 218 14.50 -15.44 8.83
N LYS A 219 13.59 -16.36 9.20
CA LYS A 219 13.96 -17.77 9.36
C LYS A 219 14.49 -18.30 8.01
N GLU A 220 13.75 -18.00 6.92
CA GLU A 220 14.21 -18.45 5.61
C GLU A 220 15.54 -17.90 5.16
N ILE A 221 15.80 -16.62 5.36
CA ILE A 221 17.10 -16.03 5.11
C ILE A 221 18.22 -16.61 5.94
N VAL A 222 17.94 -16.81 7.22
CA VAL A 222 18.95 -17.43 8.07
C VAL A 222 19.27 -18.89 7.59
N GLU A 223 18.26 -19.68 7.20
CA GLU A 223 18.45 -21.08 6.81
C GLU A 223 19.09 -21.17 5.46
N LEU A 224 18.84 -20.20 4.58
CA LEU A 224 19.59 -20.08 3.34
C LEU A 224 21.07 -19.83 3.55
N HIS A 225 21.45 -19.28 4.68
CA HIS A 225 22.84 -19.06 4.97
C HIS A 225 23.39 -20.29 5.70
N GLY A 226 22.60 -21.34 5.84
CA GLY A 226 23.01 -22.51 6.57
C GLY A 226 23.00 -22.28 8.07
N GLY A 227 22.23 -21.31 8.54
CA GLY A 227 22.15 -21.00 9.95
C GLY A 227 20.83 -21.33 10.58
N ARG A 228 20.65 -21.01 11.84
CA ARG A 228 19.39 -21.27 12.49
C ARG A 228 19.03 -20.12 13.40
N ILE A 229 17.76 -20.00 13.71
CA ILE A 229 17.28 -18.99 14.60
C ILE A 229 16.33 -19.61 15.60
N TRP A 230 16.47 -19.24 16.86
CA TRP A 230 15.61 -19.72 17.90
C TRP A 230 15.31 -18.59 18.87
N VAL A 231 14.37 -18.81 19.75
CA VAL A 231 13.92 -17.84 20.68
C VAL A 231 13.86 -18.40 22.13
N GLU A 232 14.10 -17.50 23.08
CA GLU A 232 13.80 -17.71 24.51
C GLU A 232 13.01 -16.50 25.00
N SER A 233 11.98 -16.73 25.78
CA SER A 233 11.18 -15.58 26.23
C SER A 233 10.56 -15.94 27.51
N GLU A 234 10.20 -14.92 28.27
CA GLU A 234 9.25 -15.01 29.42
C GLU A 234 8.24 -13.87 29.34
N VAL A 235 6.97 -14.21 29.39
CA VAL A 235 5.86 -13.23 29.45
C VAL A 235 6.08 -12.18 30.54
N GLY A 236 5.85 -10.91 30.22
CA GLY A 236 6.13 -9.78 31.12
C GLY A 236 7.58 -9.38 31.34
N LYS A 237 8.52 -10.15 30.83
CA LYS A 237 9.92 -9.85 31.07
C LYS A 237 10.65 -9.47 29.81
N GLY A 238 10.56 -10.30 28.78
CA GLY A 238 11.18 -9.95 27.52
C GLY A 238 11.63 -11.20 26.76
N SER A 239 12.38 -10.97 25.71
CA SER A 239 12.69 -12.02 24.75
C SER A 239 14.08 -11.92 24.28
N ARG A 240 14.67 -13.07 23.89
CA ARG A 240 15.97 -13.11 23.29
C ARG A 240 15.89 -13.96 22.04
N PHE A 241 16.27 -13.38 20.88
CA PHE A 241 16.27 -14.07 19.61
C PHE A 241 17.73 -14.36 19.32
N PHE A 242 18.02 -15.62 19.00
CA PHE A 242 19.40 -16.05 18.71
C PHE A 242 19.49 -16.44 17.26
N VAL A 243 20.46 -15.87 16.57
CA VAL A 243 20.69 -16.18 15.22
C VAL A 243 22.15 -16.73 15.14
N TRP A 244 22.29 -17.94 14.64
CA TRP A 244 23.63 -18.56 14.46
C TRP A 244 23.83 -18.75 12.99
N ILE A 245 24.93 -18.22 12.48
CA ILE A 245 25.32 -18.39 11.12
C ILE A 245 26.83 -18.79 11.03
N PRO A 246 27.11 -19.77 10.17
CA PRO A 246 28.49 -20.30 10.05
C PRO A 246 29.45 -19.23 9.58
N LYS A 247 30.68 -19.29 10.05
CA LYS A 247 31.68 -18.22 9.88
C LYS A 247 32.14 -18.16 8.43
N ASP A 248 32.45 -19.33 7.87
CA ASP A 248 32.65 -19.54 6.42
C ASP A 248 32.14 -20.92 6.04
N ARG B 12 -10.74 -30.03 2.13
CA ARG B 12 -11.12 -30.21 0.76
C ARG B 12 -10.27 -29.42 -0.24
N LEU B 13 -10.58 -29.59 -1.52
CA LEU B 13 -9.86 -28.91 -2.57
C LEU B 13 -10.15 -27.45 -2.47
N LYS B 14 -9.13 -26.67 -2.22
CA LYS B 14 -9.32 -25.23 -2.10
C LYS B 14 -8.31 -24.37 -2.85
N ARG B 15 -8.28 -23.12 -2.41
CA ARG B 15 -7.45 -22.02 -2.91
C ARG B 15 -5.98 -22.32 -2.73
N ILE B 16 -5.40 -22.90 -3.77
CA ILE B 16 -4.02 -23.31 -3.69
C ILE B 16 -3.01 -22.29 -3.20
N ASP B 17 -1.99 -22.84 -2.55
CA ASP B 17 -0.87 -22.11 -2.00
C ASP B 17 -0.01 -21.40 -3.07
N ARG B 18 -0.02 -21.89 -4.30
CA ARG B 18 0.66 -21.23 -5.37
C ARG B 18 -0.12 -19.96 -5.70
N MET B 19 -1.44 -20.05 -5.63
CA MET B 19 -2.30 -18.92 -5.89
C MET B 19 -2.14 -17.87 -4.82
N LYS B 20 -2.01 -18.28 -3.56
CA LYS B 20 -1.83 -17.34 -2.49
C LYS B 20 -0.48 -16.66 -2.63
N THR B 21 0.53 -17.35 -3.09
CA THR B 21 1.81 -16.75 -3.29
C THR B 21 1.78 -15.72 -4.43
N GLU B 22 1.11 -16.06 -5.51
CA GLU B 22 0.96 -15.16 -6.64
C GLU B 22 0.21 -13.91 -6.21
N PHE B 23 -0.83 -14.10 -5.42
CA PHE B 23 -1.61 -13.02 -4.87
C PHE B 23 -0.75 -12.03 -4.06
N ILE B 24 0.15 -12.55 -3.21
CA ILE B 24 1.02 -11.70 -2.41
C ILE B 24 1.94 -10.92 -3.31
N ALA B 25 2.52 -11.58 -4.29
CA ALA B 25 3.33 -10.89 -5.25
C ALA B 25 2.53 -9.80 -6.02
N ASN B 26 1.31 -10.10 -6.40
CA ASN B 26 0.43 -9.16 -7.12
C ASN B 26 0.02 -7.94 -6.30
N ILE B 27 -0.13 -8.10 -4.98
CA ILE B 27 -0.45 -6.97 -4.07
C ILE B 27 0.72 -5.99 -4.08
N SER B 28 1.92 -6.52 -3.95
CA SER B 28 3.10 -5.76 -3.91
C SER B 28 3.18 -4.96 -5.22
N ALA B 29 2.97 -5.65 -6.34
CA ALA B 29 3.15 -4.99 -7.65
C ALA B 29 2.09 -3.89 -7.89
N GLU B 30 0.83 -4.15 -7.59
CA GLU B 30 -0.21 -3.18 -7.89
C GLU B 30 -0.07 -1.93 -7.00
N LEU B 31 0.38 -2.09 -5.75
CA LEU B 31 0.60 -0.97 -4.86
C LEU B 31 1.86 -0.17 -5.13
N ARG B 32 2.85 -0.80 -5.71
CA ARG B 32 4.11 -0.19 -5.96
C ARG B 32 4.02 0.94 -7.01
N THR B 33 3.09 0.81 -7.95
CA THR B 33 2.91 1.84 -8.99
C THR B 33 2.43 3.23 -8.44
N PRO B 34 1.28 3.30 -7.76
CA PRO B 34 0.97 4.59 -7.09
C PRO B 34 1.98 5.05 -6.07
N LEU B 35 2.62 4.16 -5.36
CA LEU B 35 3.63 4.56 -4.38
C LEU B 35 4.83 5.20 -5.07
N THR B 36 5.18 4.68 -6.24
CA THR B 36 6.27 5.23 -7.05
C THR B 36 6.01 6.68 -7.42
N ALA B 37 4.80 6.95 -7.85
CA ALA B 37 4.39 8.30 -8.19
C ALA B 37 4.38 9.20 -6.95
N ILE B 38 3.85 8.69 -5.83
CA ILE B 38 3.78 9.51 -4.59
C ILE B 38 5.19 9.95 -4.20
N LYS B 39 6.13 9.02 -4.18
CA LYS B 39 7.43 9.34 -3.67
C LYS B 39 8.22 10.18 -4.66
N ALA B 40 8.14 9.86 -5.96
CA ALA B 40 8.85 10.65 -6.93
C ALA B 40 8.33 12.09 -6.98
N TYR B 41 7.02 12.26 -6.99
CA TYR B 41 6.46 13.61 -7.04
C TYR B 41 6.79 14.36 -5.76
N ALA B 42 6.70 13.71 -4.57
CA ALA B 42 7.00 14.41 -3.33
C ALA B 42 8.46 14.85 -3.26
N GLU B 43 9.36 13.95 -3.59
CA GLU B 43 10.79 14.28 -3.57
C GLU B 43 11.14 15.37 -4.59
N THR B 44 10.50 15.35 -5.77
CA THR B 44 10.75 16.33 -6.76
C THR B 44 10.36 17.70 -6.21
N ILE B 45 9.21 17.80 -5.58
CA ILE B 45 8.73 19.09 -5.06
C ILE B 45 9.73 19.54 -4.02
N TYR B 46 10.10 18.65 -3.11
CA TYR B 46 10.97 19.00 -2.01
C TYR B 46 12.34 19.51 -2.51
N ASN B 47 12.80 18.92 -3.60
CA ASN B 47 14.15 19.28 -4.14
C ASN B 47 14.12 20.32 -5.25
N SER B 48 12.95 20.78 -5.66
CA SER B 48 12.80 21.72 -6.76
C SER B 48 11.97 22.92 -6.46
N LEU B 49 11.88 23.34 -5.21
CA LEU B 49 11.01 24.48 -4.88
C LEU B 49 11.43 25.74 -5.69
N GLY B 50 12.71 26.00 -5.86
CA GLY B 50 13.07 27.07 -6.83
C GLY B 50 12.75 26.90 -8.34
N GLU B 51 12.33 25.72 -8.80
CA GLU B 51 12.21 25.35 -10.22
C GLU B 51 10.81 24.94 -10.60
N LEU B 52 9.83 25.25 -9.76
CA LEU B 52 8.47 24.87 -10.03
C LEU B 52 7.62 26.12 -10.08
N ASP B 53 6.89 26.30 -11.14
CA ASP B 53 5.89 27.39 -11.13
C ASP B 53 4.70 26.94 -10.33
N LEU B 54 3.80 27.87 -10.02
CA LEU B 54 2.67 27.54 -9.17
C LEU B 54 1.68 26.54 -9.75
N SER B 55 1.40 26.62 -11.06
CA SER B 55 0.48 25.66 -11.64
C SER B 55 1.10 24.24 -11.64
N THR B 56 2.40 24.15 -11.79
CA THR B 56 3.11 22.85 -11.75
C THR B 56 3.16 22.27 -10.32
N LEU B 57 3.44 23.12 -9.35
CA LEU B 57 3.40 22.75 -7.94
C LEU B 57 2.04 22.17 -7.61
N LYS B 58 0.99 22.86 -8.01
CA LYS B 58 -0.36 22.40 -7.70
C LYS B 58 -0.68 21.11 -8.44
N GLU B 59 -0.29 20.99 -9.73
CA GLU B 59 -0.47 19.80 -10.47
C GLU B 59 0.27 18.58 -9.83
N PHE B 60 1.46 18.80 -9.30
CA PHE B 60 2.26 17.72 -8.71
C PHE B 60 1.64 17.32 -7.34
N LEU B 61 1.10 18.27 -6.60
CA LEU B 61 0.33 17.95 -5.38
C LEU B 61 -0.92 17.17 -5.67
N GLU B 62 -1.67 17.53 -6.72
CA GLU B 62 -2.88 16.80 -7.11
C GLU B 62 -2.54 15.34 -7.52
N VAL B 63 -1.42 15.12 -8.20
CA VAL B 63 -0.95 13.78 -8.48
C VAL B 63 -0.79 12.95 -7.21
N ILE B 64 -0.09 13.50 -6.20
CA ILE B 64 0.10 12.83 -4.92
C ILE B 64 -1.24 12.40 -4.33
N ILE B 65 -2.18 13.34 -4.33
CA ILE B 65 -3.48 13.14 -3.73
C ILE B 65 -4.24 12.09 -4.53
N ASP B 66 -4.25 12.19 -5.84
CA ASP B 66 -5.03 11.25 -6.67
C ASP B 66 -4.41 9.83 -6.66
N GLN B 67 -3.09 9.75 -6.60
CA GLN B 67 -2.39 8.44 -6.50
C GLN B 67 -2.67 7.80 -5.11
N SER B 68 -2.73 8.65 -4.09
CA SER B 68 -3.13 8.24 -2.73
C SER B 68 -4.55 7.64 -2.76
N ASN B 69 -5.47 8.34 -3.41
CA ASN B 69 -6.84 7.84 -3.56
C ASN B 69 -6.94 6.48 -4.29
N HIS B 70 -6.15 6.24 -5.34
CA HIS B 70 -6.04 4.95 -5.99
C HIS B 70 -5.48 3.86 -5.05
N LEU B 71 -4.43 4.18 -4.31
CA LEU B 71 -3.89 3.22 -3.36
C LEU B 71 -4.97 2.87 -2.30
N GLU B 72 -5.71 3.86 -1.84
CA GLU B 72 -6.77 3.67 -0.85
C GLU B 72 -7.86 2.73 -1.40
N ASN B 73 -8.25 2.91 -2.64
CA ASN B 73 -9.21 1.97 -3.27
C ASN B 73 -8.70 0.53 -3.30
N LEU B 74 -7.41 0.34 -3.55
CA LEU B 74 -6.81 -0.95 -3.60
C LEU B 74 -6.74 -1.55 -2.18
N LEU B 75 -6.56 -0.72 -1.16
CA LEU B 75 -6.64 -1.22 0.28
C LEU B 75 -8.07 -1.59 0.65
N ASN B 76 -9.05 -0.81 0.21
CA ASN B 76 -10.44 -1.06 0.47
C ASN B 76 -10.94 -2.41 -0.19
N GLU B 77 -10.36 -2.78 -1.33
CA GLU B 77 -10.60 -4.07 -1.90
C GLU B 77 -10.13 -5.22 -0.96
N LEU B 78 -8.94 -5.13 -0.44
CA LEU B 78 -8.42 -6.16 0.50
C LEU B 78 -9.28 -6.19 1.71
N LEU B 79 -9.68 -5.03 2.21
CA LEU B 79 -10.49 -4.98 3.39
C LEU B 79 -11.86 -5.61 3.16
N ASP B 80 -12.52 -5.20 2.10
CA ASP B 80 -13.87 -5.70 1.77
C ASP B 80 -13.86 -7.22 1.60
N PHE B 81 -12.82 -7.74 0.94
CA PHE B 81 -12.64 -9.15 0.74
C PHE B 81 -12.49 -9.90 2.09
N SER B 82 -11.66 -9.38 2.99
CA SER B 82 -11.53 -9.99 4.36
C SER B 82 -12.87 -9.97 5.05
N ARG B 83 -13.59 -8.85 4.93
CA ARG B 83 -14.86 -8.73 5.58
C ARG B 83 -15.98 -9.63 4.97
N LEU B 84 -15.86 -9.97 3.68
CA LEU B 84 -16.81 -10.88 3.04
C LEU B 84 -16.51 -12.28 3.50
N GLU B 85 -15.24 -12.63 3.60
CA GLU B 85 -14.85 -13.92 4.14
C GLU B 85 -15.19 -14.18 5.61
N ARG B 86 -15.57 -13.13 6.36
CA ARG B 86 -16.08 -13.22 7.73
C ARG B 86 -17.56 -12.86 7.85
N LYS B 87 -18.30 -12.86 6.77
CA LYS B 87 -19.72 -12.46 6.88
C LYS B 87 -20.05 -11.08 7.54
N SER B 88 -19.06 -10.23 7.88
CA SER B 88 -19.32 -8.99 8.64
C SER B 88 -19.90 -7.93 7.76
N LEU B 89 -19.76 -8.10 6.45
CA LEU B 89 -20.24 -7.11 5.52
C LEU B 89 -21.74 -7.23 5.40
N GLN B 90 -22.42 -6.22 5.94
CA GLN B 90 -23.87 -6.14 5.92
C GLN B 90 -24.22 -5.42 4.67
N ILE B 91 -25.35 -5.77 4.09
CA ILE B 91 -25.92 -4.95 3.07
C ILE B 91 -27.11 -4.23 3.70
N ASN B 92 -27.35 -2.96 3.34
CA ASN B 92 -28.47 -2.14 3.84
C ASN B 92 -29.20 -1.54 2.66
N ARG B 93 -30.38 -2.08 2.32
CA ARG B 93 -31.09 -1.70 1.11
C ARG B 93 -31.86 -0.38 1.19
N GLU B 94 -32.27 0.12 0.04
CA GLU B 94 -32.92 1.42 -0.12
C GLU B 94 -33.49 1.48 -1.51
N LYS B 95 -34.31 2.49 -1.74
CA LYS B 95 -34.91 2.72 -3.05
C LYS B 95 -33.94 3.63 -3.83
N VAL B 96 -33.35 3.07 -4.88
CA VAL B 96 -32.35 3.76 -5.68
C VAL B 96 -32.81 3.79 -7.14
N ASP B 97 -32.71 4.95 -7.79
CA ASP B 97 -32.76 5.00 -9.28
C ASP B 97 -31.43 4.44 -9.83
N LEU B 98 -31.48 3.31 -10.50
CA LEU B 98 -30.28 2.69 -11.05
C LEU B 98 -29.71 3.48 -12.21
N CYS B 99 -30.57 4.24 -12.91
CA CYS B 99 -30.12 5.08 -14.03
C CYS B 99 -29.14 6.12 -13.53
N ASP B 100 -29.43 6.65 -12.36
CA ASP B 100 -28.62 7.64 -11.73
C ASP B 100 -27.34 7.05 -11.15
N LEU B 101 -27.49 5.88 -10.48
CA LEU B 101 -26.35 5.12 -9.94
C LEU B 101 -25.33 4.77 -11.04
N VAL B 102 -25.83 4.22 -12.12
CA VAL B 102 -25.01 3.81 -13.25
C VAL B 102 -24.25 5.01 -13.83
N GLU B 103 -24.94 6.12 -14.07
CA GLU B 103 -24.33 7.38 -14.58
C GLU B 103 -23.25 7.91 -13.62
N SER B 104 -23.51 7.77 -12.33
CA SER B 104 -22.56 8.15 -11.32
C SER B 104 -21.27 7.29 -11.39
N ALA B 105 -21.45 5.98 -11.59
CA ALA B 105 -20.34 5.03 -11.68
C ALA B 105 -19.60 5.28 -13.00
N VAL B 106 -20.32 5.49 -14.09
CA VAL B 106 -19.70 5.85 -15.36
C VAL B 106 -18.81 7.10 -15.20
N ASN B 107 -19.28 8.09 -14.43
CA ASN B 107 -18.50 9.30 -14.21
C ASN B 107 -17.24 9.03 -13.45
N ALA B 108 -17.36 8.26 -12.38
CA ALA B 108 -16.23 7.93 -11.51
C ALA B 108 -15.06 7.24 -12.26
N ILE B 109 -15.33 6.58 -13.36
CA ILE B 109 -14.32 5.82 -14.09
C ILE B 109 -13.78 6.54 -15.35
N LYS B 110 -14.32 7.71 -15.66
CA LYS B 110 -14.07 8.37 -16.95
C LYS B 110 -12.57 8.70 -17.21
N GLU B 111 -11.91 9.17 -16.17
CA GLU B 111 -10.49 9.53 -16.23
C GLU B 111 -9.64 8.29 -16.47
N PHE B 112 -9.94 7.20 -15.73
CA PHE B 112 -9.23 5.95 -15.89
C PHE B 112 -9.46 5.45 -17.34
N ALA B 113 -10.71 5.47 -17.82
CA ALA B 113 -10.99 4.95 -19.16
C ALA B 113 -10.24 5.77 -20.23
N SER B 114 -10.26 7.08 -20.07
CA SER B 114 -9.47 7.99 -20.99
C SER B 114 -7.99 7.74 -21.06
N SER B 115 -7.38 7.45 -19.91
CA SER B 115 -5.98 7.08 -19.86
C SER B 115 -5.68 5.82 -20.67
N HIS B 116 -6.70 5.00 -20.95
CA HIS B 116 -6.57 3.84 -21.79
C HIS B 116 -7.29 3.93 -23.13
N ASN B 117 -7.76 5.12 -23.47
CA ASN B 117 -8.48 5.39 -24.76
C ASN B 117 -9.72 4.51 -24.91
N VAL B 118 -10.45 4.33 -23.80
CA VAL B 118 -11.65 3.50 -23.77
C VAL B 118 -12.83 4.43 -23.59
N ASN B 119 -13.81 4.35 -24.50
CA ASN B 119 -15.04 5.16 -24.39
C ASN B 119 -16.01 4.42 -23.43
N VAL B 120 -16.59 5.12 -22.51
CA VAL B 120 -17.60 4.55 -21.60
C VAL B 120 -19.03 5.05 -21.94
N LEU B 121 -19.90 4.09 -22.28
CA LEU B 121 -21.30 4.34 -22.70
C LEU B 121 -22.31 3.75 -21.70
N PHE B 122 -23.52 4.29 -21.75
CA PHE B 122 -24.64 3.81 -20.95
C PHE B 122 -25.92 3.85 -21.81
N GLU B 123 -26.64 2.73 -21.87
CA GLU B 123 -27.97 2.62 -22.51
C GLU B 123 -28.90 1.96 -21.48
N SER B 124 -30.09 2.52 -21.28
CA SER B 124 -31.18 1.83 -20.59
C SER B 124 -32.19 1.32 -21.64
N ASN B 125 -32.46 0.01 -21.63
CA ASN B 125 -33.45 -0.63 -22.51
C ASN B 125 -34.91 -0.33 -22.09
N VAL B 126 -35.09 0.43 -21.03
CA VAL B 126 -36.33 0.62 -20.36
C VAL B 126 -36.35 2.12 -20.03
N PRO B 127 -37.54 2.75 -19.91
CA PRO B 127 -37.49 4.17 -19.52
C PRO B 127 -37.01 4.37 -18.07
N CYS B 128 -36.41 5.53 -17.80
CA CYS B 128 -35.84 5.91 -16.47
C CYS B 128 -36.79 6.89 -15.73
N PRO B 129 -36.93 6.81 -14.40
CA PRO B 129 -36.10 5.98 -13.50
C PRO B 129 -36.31 4.48 -13.63
N VAL B 130 -35.33 3.71 -13.16
CA VAL B 130 -35.48 2.29 -12.90
C VAL B 130 -35.20 2.12 -11.40
N GLU B 131 -36.27 2.13 -10.61
CA GLU B 131 -36.16 2.03 -9.14
C GLU B 131 -35.98 0.59 -8.72
N ALA B 132 -35.25 0.39 -7.63
CA ALA B 132 -34.99 -0.96 -7.13
C ALA B 132 -34.59 -0.89 -5.69
N TYR B 133 -34.72 -2.01 -4.98
CA TYR B 133 -34.46 -2.07 -3.54
C TYR B 133 -33.10 -2.71 -3.29
N ILE B 134 -32.05 -1.87 -3.22
CA ILE B 134 -30.64 -2.33 -3.21
C ILE B 134 -29.81 -1.42 -2.34
N ASP B 135 -28.68 -1.94 -1.88
CA ASP B 135 -27.66 -1.15 -1.22
C ASP B 135 -26.85 -0.35 -2.27
N PRO B 136 -26.99 0.99 -2.28
CA PRO B 136 -26.43 1.74 -3.41
C PRO B 136 -24.89 1.77 -3.40
N THR B 137 -24.27 1.61 -2.23
CA THR B 137 -22.84 1.67 -2.08
C THR B 137 -22.23 0.38 -2.57
N ARG B 138 -22.94 -0.72 -2.34
CA ARG B 138 -22.42 -2.02 -2.67
C ARG B 138 -22.58 -2.29 -4.13
N ILE B 139 -23.70 -1.83 -4.69
CA ILE B 139 -23.95 -1.99 -6.11
C ILE B 139 -23.05 -1.09 -6.96
N ARG B 140 -22.86 0.13 -6.50
CA ARG B 140 -21.86 1.06 -7.07
C ARG B 140 -20.51 0.38 -7.22
N GLN B 141 -20.09 -0.28 -6.16
CA GLN B 141 -18.86 -1.01 -6.14
C GLN B 141 -18.79 -2.23 -7.06
N VAL B 142 -19.95 -2.87 -7.27
CA VAL B 142 -20.08 -3.94 -8.25
C VAL B 142 -19.88 -3.32 -9.60
N LEU B 143 -20.56 -2.20 -9.86
CA LEU B 143 -20.50 -1.58 -11.19
C LEU B 143 -19.07 -1.11 -11.44
N LEU B 144 -18.47 -0.46 -10.43
CA LEU B 144 -17.06 -0.01 -10.59
C LEU B 144 -16.07 -1.15 -10.87
N ASN B 145 -16.23 -2.30 -10.22
CA ASN B 145 -15.38 -3.43 -10.49
C ASN B 145 -15.54 -3.86 -11.95
N LEU B 146 -16.78 -3.96 -12.44
CA LEU B 146 -16.98 -4.40 -13.84
C LEU B 146 -16.47 -3.37 -14.88
N LEU B 147 -16.73 -2.12 -14.60
CA LEU B 147 -16.28 -1.01 -15.47
C LEU B 147 -14.74 -0.94 -15.51
N ASN B 148 -14.13 -1.01 -14.34
CA ASN B 148 -12.69 -1.07 -14.22
C ASN B 148 -12.13 -2.22 -14.99
N ASN B 149 -12.71 -3.44 -14.86
CA ASN B 149 -12.21 -4.56 -15.62
C ASN B 149 -12.37 -4.37 -17.16
N GLY B 150 -13.48 -3.80 -17.59
CA GLY B 150 -13.64 -3.42 -19.02
C GLY B 150 -12.53 -2.51 -19.58
N VAL B 151 -12.00 -1.64 -18.73
CA VAL B 151 -10.86 -0.77 -19.09
C VAL B 151 -9.58 -1.53 -19.03
N LYS B 152 -9.32 -2.16 -17.88
CA LYS B 152 -8.10 -2.94 -17.73
C LYS B 152 -7.82 -3.99 -18.81
N TYR B 153 -8.85 -4.74 -19.23
CA TYR B 153 -8.73 -5.83 -20.14
C TYR B 153 -9.21 -5.43 -21.55
N SER B 154 -9.18 -4.18 -21.81
CA SER B 154 -9.48 -3.64 -23.15
C SER B 154 -8.37 -3.99 -24.14
N LYS B 155 -8.69 -3.88 -25.43
CA LYS B 155 -7.69 -4.22 -26.42
C LYS B 155 -6.47 -3.26 -26.27
N LYS B 156 -5.33 -3.74 -26.71
CA LYS B 156 -4.09 -3.03 -26.58
C LYS B 156 -3.90 -1.93 -27.56
N ASP B 157 -4.42 -2.09 -28.78
CA ASP B 157 -4.15 -1.03 -29.76
C ASP B 157 -5.32 -1.09 -30.73
N ALA B 158 -6.31 -0.27 -30.46
CA ALA B 158 -7.49 -0.31 -31.29
C ALA B 158 -8.10 1.06 -31.21
N PRO B 159 -8.68 1.52 -32.33
CA PRO B 159 -9.28 2.83 -32.38
C PRO B 159 -10.67 2.93 -31.76
N ASP B 160 -11.37 1.82 -31.46
CA ASP B 160 -12.81 1.90 -31.12
C ASP B 160 -13.17 1.13 -29.83
N LYS B 161 -12.25 1.17 -28.84
CA LYS B 161 -12.41 0.44 -27.57
C LYS B 161 -13.55 1.02 -26.76
N TYR B 162 -14.46 0.17 -26.21
CA TYR B 162 -15.49 0.72 -25.34
C TYR B 162 -15.85 -0.24 -24.19
N VAL B 163 -16.45 0.32 -23.17
CA VAL B 163 -17.18 -0.48 -22.14
C VAL B 163 -18.55 0.14 -22.10
N LYS B 164 -19.61 -0.68 -22.20
CA LYS B 164 -21.00 -0.15 -22.19
C LYS B 164 -21.85 -0.83 -21.10
N VAL B 165 -22.49 -0.04 -20.28
CA VAL B 165 -23.46 -0.56 -19.31
C VAL B 165 -24.88 -0.56 -19.93
N ILE B 166 -25.53 -1.71 -19.97
CA ILE B 166 -26.94 -1.79 -20.47
C ILE B 166 -27.81 -2.16 -19.30
N LEU B 167 -28.75 -1.29 -18.97
CA LEU B 167 -29.74 -1.51 -17.92
C LEU B 167 -31.11 -2.07 -18.48
N ASP B 168 -31.71 -3.06 -17.80
CA ASP B 168 -32.98 -3.69 -18.26
C ASP B 168 -33.72 -4.32 -17.07
N GLU B 169 -35.00 -4.60 -17.23
CA GLU B 169 -35.82 -5.25 -16.19
C GLU B 169 -36.25 -6.59 -16.68
N LYS B 170 -36.02 -7.65 -15.89
CA LYS B 170 -36.23 -8.99 -16.39
C LYS B 170 -36.40 -10.01 -15.31
N ASP B 171 -37.38 -10.91 -15.52
CA ASP B 171 -37.58 -12.09 -14.65
C ASP B 171 -37.80 -11.70 -13.22
N GLY B 172 -38.47 -10.59 -13.02
CA GLY B 172 -38.72 -10.15 -11.67
C GLY B 172 -37.56 -9.43 -11.02
N GLY B 173 -36.68 -8.83 -11.82
CA GLY B 173 -35.62 -8.01 -11.24
C GLY B 173 -34.96 -7.08 -12.23
N VAL B 174 -33.81 -6.54 -11.85
CA VAL B 174 -33.07 -5.66 -12.76
C VAL B 174 -31.93 -6.47 -13.30
N LEU B 175 -31.69 -6.38 -14.62
CA LEU B 175 -30.59 -7.05 -15.30
C LEU B 175 -29.63 -5.93 -15.77
N ILE B 176 -28.39 -5.99 -15.30
CA ILE B 176 -27.31 -5.06 -15.72
C ILE B 176 -26.33 -5.83 -16.55
N ILE B 177 -26.06 -5.38 -17.80
CA ILE B 177 -25.06 -6.02 -18.60
C ILE B 177 -23.87 -5.00 -18.71
N VAL B 178 -22.64 -5.46 -18.49
CA VAL B 178 -21.41 -4.67 -18.79
C VAL B 178 -20.76 -5.35 -19.91
N GLU B 179 -20.79 -4.69 -21.07
CA GLU B 179 -20.25 -5.26 -22.26
C GLU B 179 -18.95 -4.51 -22.67
N ASP B 180 -17.95 -5.25 -23.19
CA ASP B 180 -16.78 -4.63 -23.78
C ASP B 180 -16.39 -5.30 -25.06
N ASN B 181 -15.56 -4.62 -25.84
CA ASN B 181 -14.89 -5.22 -27.00
C ASN B 181 -13.37 -5.44 -26.72
N GLY B 182 -13.08 -5.92 -25.50
CA GLY B 182 -11.74 -6.24 -25.09
C GLY B 182 -11.14 -7.50 -25.57
N ILE B 183 -10.24 -8.02 -24.74
CA ILE B 183 -9.53 -9.21 -25.07
C ILE B 183 -10.27 -10.49 -25.04
N GLY B 184 -11.40 -10.50 -24.32
CA GLY B 184 -12.14 -11.71 -24.15
C GLY B 184 -11.47 -12.66 -23.18
N ILE B 185 -12.17 -13.75 -22.87
CA ILE B 185 -11.82 -14.72 -21.88
C ILE B 185 -11.90 -16.14 -22.43
N PRO B 186 -10.79 -16.91 -22.35
CA PRO B 186 -10.86 -18.25 -22.95
C PRO B 186 -11.74 -19.19 -22.16
N ASP B 187 -12.17 -20.27 -22.83
CA ASP B 187 -13.32 -21.02 -22.35
C ASP B 187 -13.02 -21.69 -21.03
N HIS B 188 -11.81 -22.23 -20.88
CA HIS B 188 -11.40 -22.86 -19.63
C HIS B 188 -11.43 -21.87 -18.46
N ALA B 189 -10.97 -20.63 -18.72
CA ALA B 189 -10.95 -19.53 -17.72
C ALA B 189 -12.30 -19.09 -17.23
N LYS B 190 -13.33 -19.22 -18.08
CA LYS B 190 -14.69 -18.74 -17.75
C LYS B 190 -15.28 -19.32 -16.50
N ASP B 191 -15.02 -20.59 -16.23
CA ASP B 191 -15.60 -21.22 -15.04
C ASP B 191 -14.83 -20.82 -13.76
N ARG B 192 -13.70 -20.12 -13.89
CA ARG B 192 -12.79 -19.83 -12.74
C ARG B 192 -12.60 -18.32 -12.42
N ILE B 193 -13.05 -17.44 -13.32
CA ILE B 193 -12.79 -15.99 -13.15
C ILE B 193 -13.43 -15.43 -11.92
N PHE B 194 -14.51 -16.01 -11.40
CA PHE B 194 -15.10 -15.50 -10.17
C PHE B 194 -14.41 -16.02 -8.87
N GLU B 195 -13.39 -16.88 -8.99
CA GLU B 195 -12.78 -17.49 -7.81
C GLU B 195 -11.80 -16.49 -7.20
N GLN B 196 -11.70 -16.46 -5.87
CA GLN B 196 -10.66 -15.65 -5.25
C GLN B 196 -9.26 -15.99 -5.74
N PHE B 197 -8.51 -14.92 -6.00
CA PHE B 197 -7.16 -14.92 -6.49
C PHE B 197 -6.94 -15.33 -7.92
N TYR B 198 -8.01 -15.69 -8.68
CA TYR B 198 -7.85 -16.20 -10.04
C TYR B 198 -7.71 -15.02 -11.02
N ARG B 199 -6.65 -15.06 -11.78
CA ARG B 199 -6.40 -14.17 -12.93
C ARG B 199 -5.99 -15.01 -14.10
N VAL B 200 -6.44 -14.62 -15.30
CA VAL B 200 -6.00 -15.33 -16.48
C VAL B 200 -4.58 -14.90 -16.71
N ASP B 201 -3.65 -15.85 -16.86
CA ASP B 201 -2.25 -15.50 -17.11
C ASP B 201 -1.90 -15.80 -18.57
N SER B 202 -1.77 -14.74 -19.35
CA SER B 202 -1.54 -14.84 -20.77
C SER B 202 -0.65 -13.74 -21.25
N SER B 203 -0.31 -13.80 -22.53
CA SER B 203 0.49 -12.77 -23.13
C SER B 203 -0.32 -11.49 -23.26
N LEU B 204 -1.65 -11.53 -23.12
CA LEU B 204 -2.43 -10.27 -23.12
C LEU B 204 -2.80 -9.70 -21.73
N THR B 205 -2.34 -10.34 -20.67
CA THR B 205 -2.61 -9.86 -19.33
C THR B 205 -1.36 -9.57 -18.47
N TYR B 206 -0.16 -9.89 -18.97
CA TYR B 206 1.05 -9.86 -18.11
CA TYR B 206 1.05 -9.87 -18.21
C TYR B 206 1.29 -8.51 -17.46
N GLU B 207 0.96 -7.40 -18.13
CA GLU B 207 1.25 -6.05 -17.60
C GLU B 207 0.13 -5.46 -16.80
N VAL B 208 -1.02 -6.13 -16.75
CA VAL B 208 -2.20 -5.52 -16.16
C VAL B 208 -2.15 -5.77 -14.68
N PRO B 209 -2.25 -4.70 -13.86
CA PRO B 209 -2.14 -4.96 -12.39
C PRO B 209 -3.44 -5.60 -11.86
N GLY B 210 -3.37 -6.42 -10.82
CA GLY B 210 -4.57 -6.86 -10.16
C GLY B 210 -4.29 -7.93 -9.13
N THR B 211 -5.27 -8.23 -8.29
CA THR B 211 -5.15 -9.27 -7.29
C THR B 211 -5.97 -10.55 -7.54
N GLY B 212 -6.97 -10.46 -8.43
CA GLY B 212 -7.92 -11.54 -8.58
C GLY B 212 -8.98 -11.55 -7.52
N LEU B 213 -9.14 -10.46 -6.79
CA LEU B 213 -10.24 -10.35 -5.82
C LEU B 213 -11.49 -9.70 -6.29
N GLY B 214 -11.41 -8.81 -7.31
CA GLY B 214 -12.52 -7.99 -7.67
C GLY B 214 -13.81 -8.83 -8.04
N LEU B 215 -13.71 -9.85 -8.87
CA LEU B 215 -14.96 -10.57 -9.26
C LEU B 215 -15.46 -11.48 -8.12
N ALA B 216 -14.54 -11.86 -7.21
CA ALA B 216 -14.97 -12.61 -6.00
C ALA B 216 -15.79 -11.73 -5.11
N ILE B 217 -15.38 -10.46 -4.90
CA ILE B 217 -16.14 -9.52 -4.15
C ILE B 217 -17.45 -9.22 -4.82
N THR B 218 -17.34 -9.00 -6.13
CA THR B 218 -18.54 -8.68 -6.83
C THR B 218 -19.59 -9.83 -6.73
N LYS B 219 -19.12 -11.08 -6.87
CA LYS B 219 -20.03 -12.26 -6.85
C LYS B 219 -20.66 -12.31 -5.45
N GLU B 220 -19.87 -12.17 -4.40
CA GLU B 220 -20.42 -12.21 -3.06
C GLU B 220 -21.41 -11.13 -2.78
N ILE B 221 -21.12 -9.90 -3.16
CA ILE B 221 -22.06 -8.82 -2.99
C ILE B 221 -23.36 -9.07 -3.73
N VAL B 222 -23.26 -9.57 -4.95
CA VAL B 222 -24.44 -9.89 -5.72
C VAL B 222 -25.25 -10.99 -5.04
N GLU B 223 -24.62 -12.05 -4.51
CA GLU B 223 -25.36 -13.12 -3.85
C GLU B 223 -26.04 -12.63 -2.60
N LEU B 224 -25.42 -11.69 -1.90
CA LEU B 224 -25.99 -11.07 -0.69
C LEU B 224 -27.29 -10.31 -0.97
N HIS B 225 -27.47 -9.79 -2.18
CA HIS B 225 -28.69 -9.19 -2.62
C HIS B 225 -29.67 -10.26 -3.19
N GLY B 226 -29.29 -11.52 -3.18
CA GLY B 226 -30.10 -12.59 -3.68
C GLY B 226 -30.02 -12.70 -5.19
N GLY B 227 -28.95 -12.15 -5.76
CA GLY B 227 -28.77 -12.14 -7.19
C GLY B 227 -27.71 -13.07 -7.68
N ARG B 228 -27.47 -13.04 -8.97
CA ARG B 228 -26.43 -13.85 -9.53
C ARG B 228 -25.69 -13.07 -10.60
N ILE B 229 -24.50 -13.51 -10.91
CA ILE B 229 -23.70 -12.91 -11.93
C ILE B 229 -23.07 -14.00 -12.78
N TRP B 230 -23.11 -13.83 -14.08
CA TRP B 230 -22.49 -14.75 -15.00
C TRP B 230 -21.86 -13.97 -16.14
N VAL B 231 -21.10 -14.67 -16.96
CA VAL B 231 -20.33 -14.13 -18.04
C VAL B 231 -20.50 -14.90 -19.37
N GLU B 232 -20.44 -14.15 -20.45
CA GLU B 232 -20.29 -14.67 -21.80
C GLU B 232 -19.11 -13.96 -22.42
N SER B 233 -18.30 -14.65 -23.18
CA SER B 233 -17.12 -13.98 -23.78
C SER B 233 -16.66 -14.76 -24.97
N GLU B 234 -15.96 -14.10 -25.87
CA GLU B 234 -15.28 -14.78 -26.98
C GLU B 234 -13.88 -14.18 -27.03
N VAL B 235 -12.87 -15.02 -26.98
CA VAL B 235 -11.49 -14.57 -27.07
C VAL B 235 -11.30 -13.72 -28.32
N GLY B 236 -10.72 -12.53 -28.15
CA GLY B 236 -10.48 -11.57 -29.23
C GLY B 236 -11.62 -10.68 -29.60
N LYS B 237 -12.79 -10.88 -29.02
CA LYS B 237 -13.93 -10.06 -29.36
C LYS B 237 -14.41 -9.26 -28.21
N GLY B 238 -14.64 -9.91 -27.06
CA GLY B 238 -14.97 -9.15 -25.89
C GLY B 238 -15.84 -9.97 -24.95
N SER B 239 -16.42 -9.28 -24.02
CA SER B 239 -17.12 -9.93 -22.89
C SER B 239 -18.38 -9.25 -22.50
N ARG B 240 -19.35 -10.04 -21.97
CA ARG B 240 -20.55 -9.47 -21.38
C ARG B 240 -20.72 -10.05 -19.97
N PHE B 241 -20.82 -9.18 -18.95
CA PHE B 241 -21.02 -9.61 -17.56
C PHE B 241 -22.47 -9.26 -17.30
N PHE B 242 -23.21 -10.25 -16.77
CA PHE B 242 -24.65 -10.08 -16.47
C PHE B 242 -24.88 -10.17 -14.98
N VAL B 243 -25.52 -9.18 -14.41
CA VAL B 243 -25.83 -9.10 -13.02
C VAL B 243 -27.36 -9.01 -12.95
N TRP B 244 -27.94 -10.03 -12.27
CA TRP B 244 -29.41 -10.08 -12.05
C TRP B 244 -29.65 -9.96 -10.55
N ILE B 245 -30.40 -8.94 -10.13
CA ILE B 245 -30.73 -8.78 -8.74
C ILE B 245 -32.28 -8.62 -8.64
N PRO B 246 -32.89 -9.25 -7.63
CA PRO B 246 -34.37 -9.10 -7.47
C PRO B 246 -34.72 -7.65 -7.27
N LYS B 247 -35.87 -7.23 -7.78
CA LYS B 247 -36.25 -5.82 -7.72
C LYS B 247 -36.72 -5.48 -6.30
N ASP B 248 -37.52 -6.38 -5.72
CA ASP B 248 -37.87 -6.32 -4.28
C ASP B 248 -38.08 -7.73 -3.73
N SER C 2 -11.60 30.93 22.50
CA SER C 2 -11.55 29.89 21.44
C SER C 2 -12.09 28.55 21.95
N LYS C 3 -12.66 27.77 21.05
CA LYS C 3 -13.10 26.41 21.33
C LYS C 3 -11.83 25.60 21.54
N LYS C 4 -11.93 24.62 22.40
CA LYS C 4 -10.83 23.80 22.78
C LYS C 4 -11.19 22.36 22.36
N VAL C 5 -10.21 21.74 21.70
CA VAL C 5 -10.35 20.41 21.17
C VAL C 5 -9.36 19.50 21.83
N LEU C 6 -9.83 18.36 22.34
CA LEU C 6 -8.94 17.33 22.90
C LEU C 6 -8.66 16.28 21.77
N LEU C 7 -7.42 16.16 21.39
CA LEU C 7 -7.02 15.31 20.30
C LEU C 7 -6.35 14.06 20.81
N VAL C 8 -7.00 12.94 20.61
CA VAL C 8 -6.53 11.68 21.12
C VAL C 8 -6.17 10.68 20.05
N ASP C 9 -4.89 10.45 19.89
CA ASP C 9 -4.35 9.54 18.92
C ASP C 9 -2.95 9.15 19.28
N ASP C 10 -2.58 7.93 18.99
CA ASP C 10 -1.27 7.47 19.33
C ASP C 10 -0.17 7.84 18.34
N SER C 11 -0.53 8.44 17.23
CA SER C 11 0.43 8.83 16.25
C SER C 11 0.74 10.29 16.31
N ALA C 12 1.99 10.63 16.58
CA ALA C 12 2.41 12.02 16.60
C ALA C 12 2.28 12.63 15.21
N VAL C 13 2.61 11.85 14.21
CA VAL C 13 2.43 12.35 12.82
C VAL C 13 0.98 12.70 12.50
N LEU C 14 0.07 11.88 12.94
CA LEU C 14 -1.33 12.14 12.74
C LEU C 14 -1.77 13.35 13.57
N ARG C 15 -1.38 13.40 14.83
CA ARG C 15 -1.75 14.52 15.68
C ARG C 15 -1.30 15.86 15.10
N LYS C 16 -0.09 15.91 14.61
CA LYS C 16 0.44 17.11 14.01
C LYS C 16 -0.42 17.65 12.88
N ILE C 17 -0.88 16.81 11.98
CA ILE C 17 -1.62 17.30 10.84
C ILE C 17 -3.03 17.67 11.20
N VAL C 18 -3.61 16.93 12.13
CA VAL C 18 -4.95 17.31 12.60
C VAL C 18 -4.89 18.63 13.39
N SER C 19 -3.90 18.75 14.27
CA SER C 19 -3.64 19.98 15.06
C SER C 19 -3.46 21.18 14.16
N PHE C 20 -2.65 21.01 13.13
CA PHE C 20 -2.47 22.13 12.17
C PHE C 20 -3.76 22.62 11.62
N ASN C 21 -4.62 21.71 11.17
CA ASN C 21 -5.84 22.08 10.52
C ASN C 21 -6.84 22.66 11.53
N LEU C 22 -6.85 22.14 12.75
CA LEU C 22 -7.74 22.72 13.81
C LEU C 22 -7.30 24.19 14.19
N LYS C 23 -6.00 24.41 14.39
CA LYS C 23 -5.42 25.72 14.68
C LYS C 23 -5.61 26.70 13.53
N LYS C 24 -5.68 26.24 12.28
CA LYS C 24 -6.11 27.15 11.15
C LYS C 24 -7.49 27.81 11.36
N GLU C 25 -8.39 27.13 12.05
CA GLU C 25 -9.70 27.67 12.38
C GLU C 25 -9.76 28.46 13.69
N GLY C 26 -8.62 28.66 14.34
CA GLY C 26 -8.56 29.36 15.60
C GLY C 26 -8.82 28.56 16.84
N TYR C 27 -8.94 27.23 16.73
CA TYR C 27 -9.15 26.38 17.92
C TYR C 27 -7.88 26.15 18.69
N GLU C 28 -8.01 25.98 20.00
CA GLU C 28 -6.95 25.48 20.83
C GLU C 28 -6.95 23.97 20.82
N VAL C 29 -5.79 23.36 21.01
CA VAL C 29 -5.69 21.91 20.89
C VAL C 29 -4.90 21.39 22.03
N ILE C 30 -5.46 20.41 22.70
CA ILE C 30 -4.74 19.69 23.70
C ILE C 30 -4.62 18.28 23.20
N GLU C 31 -3.44 17.71 23.27
CA GLU C 31 -3.16 16.38 22.76
C GLU C 31 -3.01 15.29 23.81
N ALA C 32 -3.36 14.08 23.44
CA ALA C 32 -3.20 12.93 24.30
C ALA C 32 -2.78 11.75 23.45
N GLU C 33 -1.76 11.08 23.89
CA GLU C 33 -1.15 9.92 23.27
C GLU C 33 -1.90 8.61 23.37
N ASN C 34 -2.74 8.49 24.38
CA ASN C 34 -3.54 7.30 24.60
C ASN C 34 -4.79 7.64 25.38
N GLY C 35 -5.67 6.68 25.49
CA GLY C 35 -6.92 6.89 26.13
C GLY C 35 -6.87 7.27 27.58
N GLN C 36 -5.91 6.71 28.29
CA GLN C 36 -5.81 6.96 29.75
C GLN C 36 -5.32 8.37 29.95
N ILE C 37 -4.31 8.76 29.17
CA ILE C 37 -3.86 10.15 29.16
C ILE C 37 -4.99 11.13 28.86
N ALA C 38 -5.87 10.79 27.92
CA ALA C 38 -6.96 11.67 27.56
C ALA C 38 -7.89 11.88 28.79
N LEU C 39 -8.15 10.80 29.51
CA LEU C 39 -9.10 10.91 30.60
C LEU C 39 -8.45 11.70 31.76
N GLU C 40 -7.16 11.51 31.98
CA GLU C 40 -6.40 12.32 32.95
C GLU C 40 -6.41 13.78 32.63
N LYS C 41 -6.36 14.18 31.35
CA LYS C 41 -6.38 15.61 31.02
C LYS C 41 -7.74 16.25 31.21
N LEU C 42 -8.80 15.47 31.26
CA LEU C 42 -10.10 16.04 31.61
C LEU C 42 -10.21 16.51 33.11
N SER C 43 -9.30 16.12 33.97
CA SER C 43 -9.25 16.77 35.32
C SER C 43 -8.76 18.24 35.24
N GLU C 44 -8.03 18.60 34.18
CA GLU C 44 -7.50 19.95 33.96
C GLU C 44 -8.47 20.87 33.20
N PHE C 45 -9.34 20.31 32.35
CA PHE C 45 -10.24 21.15 31.54
C PHE C 45 -11.43 20.40 30.98
N THR C 46 -12.33 21.16 30.37
CA THR C 46 -13.50 20.62 29.71
C THR C 46 -13.48 21.03 28.26
N PRO C 47 -13.10 20.09 27.37
CA PRO C 47 -13.06 20.47 25.96
C PRO C 47 -14.41 20.65 25.38
N ASP C 48 -14.49 21.42 24.32
CA ASP C 48 -15.70 21.52 23.52
C ASP C 48 -15.87 20.38 22.55
N LEU C 49 -14.80 19.67 22.24
CA LEU C 49 -14.90 18.54 21.30
C LEU C 49 -13.75 17.62 21.55
N ILE C 50 -14.00 16.32 21.43
CA ILE C 50 -12.98 15.28 21.52
C ILE C 50 -12.88 14.59 20.15
N VAL C 51 -11.62 14.49 19.66
CA VAL C 51 -11.33 13.79 18.41
C VAL C 51 -10.53 12.57 18.87
N LEU C 52 -11.05 11.39 18.56
CA LEU C 52 -10.66 10.16 19.20
C LEU C 52 -10.39 9.04 18.22
N ALA C 53 -9.18 8.46 18.35
CA ALA C 53 -8.83 7.22 17.63
C ALA C 53 -9.32 5.99 18.39
N ILE C 54 -9.30 4.82 17.74
CA ILE C 54 -9.68 3.60 18.39
C ILE C 54 -8.48 2.79 18.84
N MET C 55 -7.56 2.52 17.92
CA MET C 55 -6.50 1.54 18.26
C MET C 55 -5.33 2.19 18.92
N MET C 56 -5.34 2.20 20.22
CA MET C 56 -4.29 2.86 20.97
C MET C 56 -3.88 1.92 22.05
N PRO C 57 -2.60 1.96 22.42
CA PRO C 57 -2.18 1.17 23.58
C PRO C 57 -2.71 1.75 24.87
N VAL C 58 -2.54 0.99 25.96
CA VAL C 58 -2.91 1.38 27.33
C VAL C 58 -4.40 1.47 27.50
N MET C 59 -5.07 2.29 26.70
CA MET C 59 -6.51 2.29 26.72
C MET C 59 -7.02 2.67 25.31
N ASP C 60 -7.83 1.81 24.71
CA ASP C 60 -8.41 1.99 23.34
C ASP C 60 -9.60 2.92 23.38
N GLY C 61 -9.99 3.38 22.22
CA GLY C 61 -11.04 4.36 22.12
C GLY C 61 -12.44 3.85 22.52
N PHE C 62 -12.72 2.57 22.31
CA PHE C 62 -14.01 1.98 22.76
C PHE C 62 -14.13 2.06 24.30
N THR C 63 -13.06 1.76 25.02
CA THR C 63 -12.97 1.96 26.52
C THR C 63 -13.08 3.40 26.90
N VAL C 64 -12.37 4.29 26.17
CA VAL C 64 -12.56 5.71 26.33
C VAL C 64 -14.02 6.14 26.18
N LEU C 65 -14.68 5.78 25.07
CA LEU C 65 -16.07 6.17 24.88
C LEU C 65 -16.97 5.65 26.07
N LYS C 66 -16.71 4.45 26.49
CA LYS C 66 -17.50 3.83 27.57
C LYS C 66 -17.28 4.67 28.85
N LYS C 67 -16.02 4.86 29.25
CA LYS C 67 -15.70 5.66 30.45
C LYS C 67 -16.22 7.08 30.36
N LEU C 68 -16.28 7.67 29.16
CA LEU C 68 -16.84 9.01 29.03
C LEU C 68 -18.35 9.03 29.42
N GLN C 69 -19.09 8.00 29.08
CA GLN C 69 -20.55 7.97 29.43
C GLN C 69 -20.83 7.77 30.94
N GLU C 70 -19.87 7.18 31.64
CA GLU C 70 -19.94 6.91 33.10
C GLU C 70 -19.80 8.13 34.05
N LYS C 71 -19.42 9.31 33.57
CA LYS C 71 -19.40 10.54 34.41
C LYS C 71 -20.23 11.61 33.74
N GLU C 72 -21.19 12.21 34.46
CA GLU C 72 -22.10 13.29 33.95
CA GLU C 72 -22.08 13.25 33.86
C GLU C 72 -21.38 14.50 33.36
N GLU C 73 -20.25 14.87 33.96
CA GLU C 73 -19.45 16.02 33.46
C GLU C 73 -18.90 15.70 32.05
N TRP C 74 -18.20 14.56 32.00
CA TRP C 74 -17.61 14.00 30.74
C TRP C 74 -18.65 13.57 29.70
N LYS C 75 -19.85 13.16 30.10
CA LYS C 75 -20.77 12.49 29.15
C LYS C 75 -21.43 13.34 28.10
N ARG C 76 -21.45 14.64 28.26
CA ARG C 76 -22.07 15.48 27.24
C ARG C 76 -20.99 16.11 26.30
N ILE C 77 -19.72 15.81 26.50
CA ILE C 77 -18.69 16.32 25.53
C ILE C 77 -18.86 15.54 24.23
N PRO C 78 -19.17 16.22 23.11
CA PRO C 78 -19.27 15.55 21.82
C PRO C 78 -17.92 14.94 21.35
N VAL C 79 -18.01 13.84 20.60
CA VAL C 79 -16.81 13.03 20.23
C VAL C 79 -16.98 12.68 18.81
N ILE C 80 -15.96 13.01 18.01
CA ILE C 80 -15.84 12.48 16.65
C ILE C 80 -14.74 11.40 16.71
N VAL C 81 -15.05 10.21 16.26
CA VAL C 81 -14.11 9.09 16.25
C VAL C 81 -13.46 9.19 14.85
N LEU C 82 -12.16 9.23 14.81
CA LEU C 82 -11.43 9.33 13.53
C LEU C 82 -10.54 8.10 13.50
N THR C 83 -10.88 7.14 12.69
CA THR C 83 -10.31 5.81 12.82
C THR C 83 -10.14 5.06 11.50
N ALA C 84 -9.11 4.23 11.47
CA ALA C 84 -8.88 3.21 10.41
C ALA C 84 -9.87 2.06 10.49
N LYS C 85 -10.55 1.91 11.62
CA LYS C 85 -11.57 0.84 11.70
C LYS C 85 -12.72 1.14 10.75
N GLY C 86 -12.69 0.42 9.63
CA GLY C 86 -13.55 0.68 8.47
C GLY C 86 -14.85 -0.11 8.41
N GLY C 87 -15.08 -1.02 9.38
CA GLY C 87 -16.33 -1.81 9.43
C GLY C 87 -17.59 -1.07 9.88
N GLU C 88 -18.72 -1.47 9.33
CA GLU C 88 -20.02 -1.01 9.80
C GLU C 88 -20.27 -1.42 11.24
N GLU C 89 -19.79 -2.57 11.65
CA GLU C 89 -20.03 -3.05 12.99
C GLU C 89 -19.14 -2.22 13.96
N ASP C 90 -17.88 -1.92 13.56
CA ASP C 90 -17.02 -0.90 14.30
C ASP C 90 -17.70 0.48 14.52
N GLU C 91 -18.22 1.05 13.45
CA GLU C 91 -18.99 2.27 13.51
C GLU C 91 -20.24 2.18 14.41
N SER C 92 -21.04 1.12 14.25
CA SER C 92 -22.23 0.97 15.10
C SER C 92 -21.88 0.89 16.58
N LEU C 93 -20.87 0.10 16.88
CA LEU C 93 -20.36 0.00 18.25
C LEU C 93 -19.95 1.36 18.81
N ALA C 94 -19.14 2.15 18.04
CA ALA C 94 -18.76 3.48 18.55
C ALA C 94 -19.95 4.42 18.75
N LEU C 95 -20.89 4.44 17.82
CA LEU C 95 -22.08 5.28 17.96
C LEU C 95 -22.96 4.82 19.15
N SER C 96 -23.08 3.51 19.34
CA SER C 96 -23.81 2.92 20.50
C SER C 96 -23.11 3.24 21.83
N LEU C 97 -21.78 3.44 21.81
CA LEU C 97 -21.03 3.93 22.96
C LEU C 97 -21.07 5.43 23.15
N GLY C 98 -21.74 6.14 22.27
CA GLY C 98 -22.05 7.56 22.45
C GLY C 98 -21.22 8.49 21.58
N ALA C 99 -20.42 7.98 20.64
CA ALA C 99 -19.75 8.90 19.70
C ALA C 99 -20.83 9.60 18.90
N ARG C 100 -20.57 10.85 18.55
CA ARG C 100 -21.47 11.63 17.69
C ARG C 100 -21.32 11.35 16.21
N LYS C 101 -20.11 11.00 15.75
CA LYS C 101 -19.81 10.79 14.35
C LYS C 101 -18.54 9.89 14.28
N VAL C 102 -18.45 9.01 13.30
CA VAL C 102 -17.28 8.16 13.03
C VAL C 102 -16.86 8.58 11.63
N MET C 103 -15.61 9.03 11.52
CA MET C 103 -15.03 9.30 10.19
C MET C 103 -13.86 8.33 9.97
N ARG C 104 -13.76 7.79 8.77
CA ARG C 104 -12.78 6.78 8.42
C ARG C 104 -11.43 7.46 8.02
N LYS C 105 -10.35 6.71 8.20
CA LYS C 105 -8.99 7.04 7.70
C LYS C 105 -8.73 6.10 6.57
N PRO C 106 -8.13 6.58 5.45
CA PRO C 106 -7.68 7.94 5.19
C PRO C 106 -8.83 8.96 5.11
N PHE C 107 -8.59 10.15 5.54
CA PHE C 107 -9.62 11.18 5.56
C PHE C 107 -9.18 12.40 4.78
N SER C 108 -10.18 13.18 4.43
CA SER C 108 -10.00 14.54 3.86
C SER C 108 -9.97 15.57 4.98
N PRO C 109 -8.87 16.32 5.13
CA PRO C 109 -8.79 17.32 6.15
C PRO C 109 -9.92 18.36 6.06
N SER C 110 -10.28 18.76 4.87
CA SER C 110 -11.32 19.79 4.71
C SER C 110 -12.73 19.23 5.12
N GLN C 111 -13.04 17.98 4.77
CA GLN C 111 -14.28 17.33 5.22
C GLN C 111 -14.33 17.12 6.74
N PHE C 112 -13.17 16.77 7.30
CA PHE C 112 -13.05 16.64 8.73
C PHE C 112 -13.35 17.97 9.45
N ILE C 113 -12.75 19.05 8.97
CA ILE C 113 -12.95 20.34 9.59
C ILE C 113 -14.43 20.78 9.47
N GLU C 114 -15.05 20.52 8.34
CA GLU C 114 -16.48 20.83 8.14
C GLU C 114 -17.31 20.15 9.26
N GLU C 115 -17.03 18.87 9.53
CA GLU C 115 -17.74 18.14 10.55
C GLU C 115 -17.43 18.65 11.97
N VAL C 116 -16.18 19.04 12.21
CA VAL C 116 -15.78 19.64 13.49
C VAL C 116 -16.60 20.93 13.76
N LYS C 117 -16.72 21.76 12.73
CA LYS C 117 -17.44 23.05 12.84
C LYS C 117 -18.92 22.83 13.10
N HIS C 118 -19.51 21.91 12.35
CA HIS C 118 -20.86 21.47 12.56
C HIS C 118 -21.15 21.02 14.00
N LEU C 119 -20.30 20.17 14.56
CA LEU C 119 -20.42 19.72 15.93
C LEU C 119 -20.17 20.85 16.93
N LEU C 120 -19.21 21.71 16.66
CA LEU C 120 -18.92 22.80 17.61
C LEU C 120 -20.03 23.88 17.62
N ASN C 121 -20.89 23.92 16.60
CA ASN C 121 -21.97 24.93 16.50
C ASN C 121 -23.36 24.27 16.55
N GLU C 122 -23.67 23.48 15.51
CA GLU C 122 -24.87 22.57 15.39
C GLU C 122 -25.95 23.08 14.41
N SER D 2 21.94 20.16 -26.70
CA SER D 2 21.52 19.37 -25.53
C SER D 2 21.51 17.86 -25.81
N LYS D 3 21.72 17.08 -24.78
CA LYS D 3 21.54 15.62 -24.83
C LYS D 3 20.06 15.29 -24.95
N LYS D 4 19.79 14.26 -25.72
CA LYS D 4 18.47 13.79 -26.06
C LYS D 4 18.23 12.43 -25.37
N VAL D 5 17.15 12.38 -24.59
CA VAL D 5 16.78 11.17 -23.84
C VAL D 5 15.45 10.61 -24.37
N LEU D 6 15.41 9.34 -24.71
CA LEU D 6 14.19 8.66 -25.09
C LEU D 6 13.64 8.01 -23.79
N LEU D 7 12.46 8.42 -23.41
CA LEU D 7 11.80 7.92 -22.22
C LEU D 7 10.63 7.03 -22.57
N VAL D 8 10.77 5.77 -22.23
CA VAL D 8 9.83 4.73 -22.53
C VAL D 8 9.16 4.10 -21.32
N ASP D 9 7.90 4.41 -21.14
CA ASP D 9 7.12 3.92 -20.05
C ASP D 9 5.67 4.06 -20.41
N ASP D 10 4.86 3.16 -19.92
CA ASP D 10 3.47 3.22 -20.25
C ASP D 10 2.62 4.14 -19.38
N SER D 11 3.21 4.72 -18.37
CA SER D 11 2.49 5.59 -17.46
C SER D 11 2.77 7.03 -17.73
N ALA D 12 1.73 7.77 -18.11
CA ALA D 12 1.86 9.19 -18.35
C ALA D 12 2.31 9.91 -17.07
N VAL D 13 1.78 9.51 -15.93
CA VAL D 13 2.18 10.08 -14.67
C VAL D 13 3.67 9.88 -14.41
N LEU D 14 4.18 8.70 -14.70
CA LEU D 14 5.57 8.43 -14.50
C LEU D 14 6.44 9.21 -15.48
N ARG D 15 6.06 9.23 -16.75
CA ARG D 15 6.81 9.98 -17.74
C ARG D 15 6.88 11.46 -17.38
N LYS D 16 5.78 12.03 -16.94
CA LYS D 16 5.78 13.42 -16.56
C LYS D 16 6.82 13.77 -15.50
N ILE D 17 6.94 12.99 -14.45
CA ILE D 17 7.89 13.32 -13.42
C ILE D 17 9.33 13.05 -13.83
N VAL D 18 9.55 12.01 -14.58
CA VAL D 18 10.91 11.73 -15.03
C VAL D 18 11.29 12.86 -16.04
N SER D 19 10.38 13.21 -16.96
CA SER D 19 10.63 14.29 -17.93
C SER D 19 10.98 15.64 -17.23
N PHE D 20 10.24 15.95 -16.18
CA PHE D 20 10.52 17.17 -15.38
C PHE D 20 11.91 17.18 -14.82
N ASN D 21 12.37 16.05 -14.29
CA ASN D 21 13.64 15.95 -13.72
C ASN D 21 14.79 15.95 -14.77
N LEU D 22 14.50 15.42 -15.92
CA LEU D 22 15.53 15.39 -17.01
C LEU D 22 15.64 16.86 -17.58
N LYS D 23 14.52 17.56 -17.75
CA LYS D 23 14.49 18.92 -18.23
C LYS D 23 15.13 19.91 -17.28
N LYS D 24 15.11 19.64 -15.97
CA LYS D 24 15.85 20.47 -15.01
C LYS D 24 17.32 20.52 -15.32
N GLU D 25 17.82 19.49 -15.96
CA GLU D 25 19.22 19.41 -16.31
C GLU D 25 19.53 19.92 -17.69
N GLY D 26 18.52 20.32 -18.43
CA GLY D 26 18.72 20.82 -19.75
C GLY D 26 18.63 19.83 -20.88
N TYR D 27 18.24 18.60 -20.59
CA TYR D 27 18.12 17.59 -21.61
C TYR D 27 16.82 17.67 -22.35
N GLU D 28 16.83 17.29 -23.60
CA GLU D 28 15.63 17.22 -24.39
C GLU D 28 15.03 15.85 -24.16
N VAL D 29 13.72 15.72 -24.24
CA VAL D 29 13.06 14.46 -23.95
C VAL D 29 12.05 14.06 -24.99
N ILE D 30 12.15 12.84 -25.48
CA ILE D 30 11.21 12.28 -26.42
C ILE D 30 10.52 11.14 -25.68
N GLU D 31 9.21 11.06 -25.75
CA GLU D 31 8.46 10.10 -24.95
C GLU D 31 7.89 9.01 -25.85
N ALA D 32 7.87 7.80 -25.36
CA ALA D 32 7.12 6.69 -26.00
C ALA D 32 6.35 5.93 -24.99
N GLU D 33 5.07 5.63 -25.28
CA GLU D 33 4.23 4.86 -24.32
C GLU D 33 4.26 3.34 -24.35
N ASN D 34 5.01 2.77 -25.29
CA ASN D 34 5.29 1.33 -25.30
C ASN D 34 6.54 1.05 -26.12
N GLY D 35 7.02 -0.20 -26.07
CA GLY D 35 8.27 -0.57 -26.67
C GLY D 35 8.28 -0.45 -28.19
N GLN D 36 7.12 -0.66 -28.80
CA GLN D 36 7.05 -0.62 -30.27
C GLN D 36 7.15 0.81 -30.75
N ILE D 37 6.42 1.70 -30.07
CA ILE D 37 6.53 3.15 -30.28
C ILE D 37 7.95 3.63 -30.10
N ALA D 38 8.69 3.13 -29.11
CA ALA D 38 10.06 3.54 -28.89
C ALA D 38 10.97 3.22 -30.10
N LEU D 39 10.80 2.01 -30.63
CA LEU D 39 11.68 1.52 -31.72
C LEU D 39 11.34 2.31 -33.01
N GLU D 40 10.06 2.62 -33.18
CA GLU D 40 9.62 3.49 -34.29
C GLU D 40 10.17 4.89 -34.22
N LYS D 41 10.33 5.46 -33.01
CA LYS D 41 10.95 6.79 -32.87
C LYS D 41 12.46 6.82 -33.16
N LEU D 42 13.15 5.71 -33.05
CA LEU D 42 14.55 5.66 -33.43
C LEU D 42 14.80 5.81 -34.94
N SER D 43 13.76 5.67 -35.75
CA SER D 43 13.82 6.02 -37.19
C SER D 43 13.93 7.53 -37.45
N GLU D 44 13.51 8.37 -36.50
CA GLU D 44 13.57 9.84 -36.58
C GLU D 44 14.82 10.44 -35.91
N PHE D 45 15.39 9.77 -34.91
CA PHE D 45 16.55 10.31 -34.19
C PHE D 45 17.34 9.24 -33.52
N THR D 46 18.50 9.62 -33.00
CA THR D 46 19.32 8.76 -32.21
C THR D 46 19.48 9.44 -30.84
N PRO D 47 18.88 8.84 -29.80
CA PRO D 47 19.03 9.44 -28.47
C PRO D 47 20.42 9.18 -27.87
N ASP D 48 20.85 10.03 -26.96
CA ASP D 48 22.04 9.82 -26.15
C ASP D 48 21.82 8.80 -24.99
N LEU D 49 20.57 8.57 -24.65
CA LEU D 49 20.23 7.67 -23.54
C LEU D 49 18.77 7.26 -23.68
N ILE D 50 18.48 5.99 -23.35
CA ILE D 50 17.14 5.45 -23.29
C ILE D 50 16.83 5.09 -21.84
N VAL D 51 15.72 5.61 -21.33
CA VAL D 51 15.21 5.21 -20.00
C VAL D 51 13.95 4.33 -20.29
N LEU D 52 13.99 3.11 -19.81
CA LEU D 52 13.11 2.04 -20.25
C LEU D 52 12.46 1.31 -19.10
N ALA D 53 11.13 1.23 -19.18
CA ALA D 53 10.34 0.37 -18.27
C ALA D 53 10.26 -1.07 -18.85
N ILE D 54 9.84 -2.04 -18.01
CA ILE D 54 9.72 -3.40 -18.42
C ILE D 54 8.29 -3.75 -18.79
N MET D 55 7.37 -3.52 -17.87
CA MET D 55 6.03 -4.05 -18.04
C MET D 55 5.18 -3.10 -18.85
N MET D 56 5.18 -3.30 -20.15
CA MET D 56 4.41 -2.41 -21.05
C MET D 56 3.59 -3.29 -21.96
N PRO D 57 2.41 -2.82 -22.37
CA PRO D 57 1.62 -3.56 -23.36
C PRO D 57 2.32 -3.46 -24.73
N VAL D 58 1.87 -4.24 -25.69
CA VAL D 58 2.36 -4.24 -27.07
C VAL D 58 3.75 -4.79 -27.22
N MET D 59 4.71 -4.19 -26.54
CA MET D 59 6.06 -4.68 -26.54
C MET D 59 6.72 -4.34 -25.21
N ASP D 60 7.11 -5.36 -24.47
CA ASP D 60 7.75 -5.16 -23.18
C ASP D 60 9.21 -4.76 -23.28
N GLY D 61 9.78 -4.32 -22.17
CA GLY D 61 11.14 -3.88 -22.13
C GLY D 61 12.20 -4.90 -22.45
N PHE D 62 11.97 -6.14 -22.10
CA PHE D 62 12.92 -7.19 -22.39
C PHE D 62 13.02 -7.35 -23.90
N THR D 63 11.90 -7.33 -24.59
CA THR D 63 11.87 -7.41 -26.05
C THR D 63 12.57 -6.21 -26.65
N VAL D 64 12.26 -5.02 -26.17
CA VAL D 64 12.99 -3.84 -26.55
C VAL D 64 14.48 -4.00 -26.41
N LEU D 65 14.95 -4.41 -25.24
CA LEU D 65 16.41 -4.51 -25.08
C LEU D 65 17.02 -5.50 -26.14
N LYS D 66 16.34 -6.58 -26.37
CA LYS D 66 16.75 -7.64 -27.30
C LYS D 66 16.84 -7.03 -28.69
N LYS D 67 15.76 -6.39 -29.14
CA LYS D 67 15.74 -5.75 -30.51
C LYS D 67 16.79 -4.67 -30.63
N LEU D 68 17.06 -3.95 -29.56
CA LEU D 68 18.12 -2.94 -29.58
C LEU D 68 19.48 -3.57 -29.92
N GLN D 69 19.76 -4.76 -29.38
CA GLN D 69 21.05 -5.46 -29.68
C GLN D 69 21.23 -5.97 -31.12
N GLU D 70 20.12 -6.16 -31.82
CA GLU D 70 20.07 -6.71 -33.17
C GLU D 70 20.25 -5.71 -34.31
N LYS D 71 20.26 -4.41 -34.02
CA LYS D 71 20.63 -3.39 -35.02
C LYS D 71 21.91 -2.74 -34.55
N GLU D 72 22.77 -2.38 -35.50
CA GLU D 72 24.13 -1.85 -35.20
C GLU D 72 24.03 -0.43 -34.76
N GLU D 73 23.18 0.30 -35.48
CA GLU D 73 22.84 1.69 -35.20
C GLU D 73 22.06 1.89 -33.88
N TRP D 74 21.42 0.83 -33.35
CA TRP D 74 20.68 0.91 -32.04
C TRP D 74 21.46 0.37 -30.85
N LYS D 75 22.40 -0.55 -31.12
CA LYS D 75 23.08 -1.34 -30.08
C LYS D 75 24.00 -0.57 -29.16
N ARG D 76 24.47 0.56 -29.59
CA ARG D 76 25.43 1.27 -28.79
C ARG D 76 24.72 2.30 -27.85
N ILE D 77 23.43 2.53 -28.01
CA ILE D 77 22.75 3.54 -27.15
C ILE D 77 22.63 2.94 -25.74
N PRO D 78 23.18 3.61 -24.71
CA PRO D 78 23.10 3.13 -23.35
C PRO D 78 21.63 3.23 -22.84
N VAL D 79 21.27 2.29 -21.99
CA VAL D 79 19.87 2.14 -21.55
C VAL D 79 19.94 1.98 -20.05
N ILE D 80 19.16 2.79 -19.34
CA ILE D 80 18.89 2.57 -17.94
C ILE D 80 17.47 1.98 -17.87
N VAL D 81 17.32 0.84 -17.22
CA VAL D 81 15.99 0.21 -17.06
C VAL D 81 15.50 0.77 -15.71
N LEU D 82 14.31 1.32 -15.71
CA LEU D 82 13.69 1.86 -14.50
C LEU D 82 12.43 1.12 -14.32
N THR D 83 12.40 0.25 -13.34
CA THR D 83 11.38 -0.78 -13.26
C THR D 83 10.94 -1.18 -11.86
N ALA D 84 9.66 -1.52 -11.74
CA ALA D 84 9.11 -2.13 -10.55
C ALA D 84 9.48 -3.59 -10.45
N LYS D 85 9.99 -4.21 -11.52
CA LYS D 85 10.44 -5.61 -11.38
C LYS D 85 11.60 -5.72 -10.43
N GLY D 86 11.28 -6.17 -9.21
CA GLY D 86 12.22 -6.11 -8.09
C GLY D 86 13.21 -7.25 -7.90
N GLY D 87 13.09 -8.34 -8.66
CA GLY D 87 14.02 -9.48 -8.50
C GLY D 87 15.46 -9.36 -9.01
N GLU D 88 16.34 -10.10 -8.35
CA GLU D 88 17.68 -10.27 -8.83
C GLU D 88 17.71 -10.95 -10.18
N GLU D 89 16.84 -11.90 -10.46
CA GLU D 89 16.83 -12.60 -11.75
CA GLU D 89 16.94 -12.53 -11.76
C GLU D 89 16.34 -11.63 -12.86
N ASP D 90 15.37 -10.76 -12.52
CA ASP D 90 14.87 -9.69 -13.45
C ASP D 90 16.02 -8.78 -13.90
N GLU D 91 16.80 -8.34 -12.92
CA GLU D 91 17.91 -7.47 -13.15
C GLU D 91 18.97 -8.18 -14.00
N SER D 92 19.32 -9.40 -13.62
CA SER D 92 20.35 -10.16 -14.38
C SER D 92 19.92 -10.35 -15.82
N LEU D 93 18.66 -10.73 -16.03
CA LEU D 93 18.14 -10.79 -17.42
C LEU D 93 18.31 -9.47 -18.18
N ALA D 94 17.88 -8.34 -17.58
CA ALA D 94 18.04 -7.06 -18.26
C ALA D 94 19.49 -6.69 -18.61
N LEU D 95 20.41 -6.90 -17.69
CA LEU D 95 21.83 -6.59 -17.90
C LEU D 95 22.42 -7.53 -19.00
N SER D 96 22.05 -8.80 -18.94
CA SER D 96 22.46 -9.80 -20.00
C SER D 96 21.85 -9.47 -21.37
N LEU D 97 20.70 -8.78 -21.40
CA LEU D 97 20.16 -8.21 -22.63
C LEU D 97 20.74 -6.89 -23.08
N GLY D 98 21.71 -6.35 -22.37
CA GLY D 98 22.42 -5.17 -22.80
C GLY D 98 22.16 -3.88 -22.02
N ALA D 99 21.24 -3.88 -21.05
CA ALA D 99 21.05 -2.67 -20.23
C ALA D 99 22.33 -2.32 -19.52
N ARG D 100 22.60 -1.04 -19.44
CA ARG D 100 23.73 -0.55 -18.69
C ARG D 100 23.47 -0.54 -17.19
N LYS D 101 22.22 -0.39 -16.73
CA LYS D 101 21.95 -0.19 -15.32
C LYS D 101 20.46 -0.45 -15.11
N VAL D 102 20.12 -1.06 -14.00
CA VAL D 102 18.73 -1.35 -13.65
C VAL D 102 18.49 -0.60 -12.34
N MET D 103 17.48 0.30 -12.32
CA MET D 103 17.10 0.96 -11.06
C MET D 103 15.69 0.60 -10.73
N ARG D 104 15.43 0.30 -9.48
CA ARG D 104 14.11 -0.15 -9.06
C ARG D 104 13.16 1.00 -8.76
N LYS D 105 11.84 0.75 -8.86
CA LYS D 105 10.76 1.65 -8.46
C LYS D 105 10.20 1.10 -7.18
N PRO D 106 9.91 1.91 -6.19
CA PRO D 106 9.98 3.40 -6.18
C PRO D 106 11.42 3.85 -6.21
N PHE D 107 11.66 4.98 -6.83
CA PHE D 107 13.04 5.48 -6.98
C PHE D 107 13.15 6.86 -6.40
N SER D 108 14.40 7.24 -6.14
CA SER D 108 14.77 8.63 -5.83
C SER D 108 15.06 9.44 -7.08
N PRO D 109 14.31 10.53 -7.34
CA PRO D 109 14.62 11.32 -8.57
C PRO D 109 16.09 11.83 -8.61
N SER D 110 16.61 12.25 -7.48
CA SER D 110 18.02 12.75 -7.42
C SER D 110 19.04 11.61 -7.66
N GLN D 111 18.82 10.40 -7.13
CA GLN D 111 19.69 9.28 -7.49
C GLN D 111 19.59 8.90 -8.97
N PHE D 112 18.37 8.92 -9.49
CA PHE D 112 18.17 8.61 -10.86
C PHE D 112 18.95 9.60 -11.77
N ILE D 113 18.85 10.89 -11.52
CA ILE D 113 19.52 11.91 -12.31
C ILE D 113 21.09 11.78 -12.18
N GLU D 114 21.61 11.39 -11.02
CA GLU D 114 23.07 11.13 -10.85
C GLU D 114 23.51 10.02 -11.78
N GLU D 115 22.72 8.95 -11.86
CA GLU D 115 23.01 7.85 -12.75
C GLU D 115 22.88 8.24 -14.23
N VAL D 116 21.84 9.00 -14.56
CA VAL D 116 21.70 9.55 -15.94
C VAL D 116 22.96 10.34 -16.37
N LYS D 117 23.40 11.23 -15.50
CA LYS D 117 24.61 12.09 -15.76
C LYS D 117 25.85 11.29 -15.95
N HIS D 118 26.02 10.29 -15.10
CA HIS D 118 27.12 9.38 -15.20
C HIS D 118 27.16 8.67 -16.56
N LEU D 119 26.03 8.15 -17.01
CA LEU D 119 25.94 7.51 -18.32
C LEU D 119 26.12 8.47 -19.48
N LEU D 120 25.61 9.69 -19.38
CA LEU D 120 25.78 10.66 -20.45
C LEU D 120 27.20 11.25 -20.56
N ASN D 121 27.96 11.25 -19.48
CA ASN D 121 29.29 11.91 -19.44
C ASN D 121 30.47 10.92 -19.54
N GLU D 122 30.19 9.63 -19.35
CA GLU D 122 31.22 8.61 -19.10
C GLU D 122 32.45 9.12 -18.33
PB ADP E . 4.53 -9.27 12.90
O1B ADP E . 5.55 -8.43 13.64
O2B ADP E . 3.34 -9.68 13.66
O3B ADP E . 4.05 -8.70 11.56
PA ADP E . 6.66 -11.28 12.99
O1A ADP E . 7.84 -10.37 13.00
O2A ADP E . 6.73 -12.52 12.17
O3A ADP E . 5.23 -10.69 12.53
O5' ADP E . 6.32 -11.75 14.48
C5' ADP E . 5.40 -12.82 14.69
C4' ADP E . 4.88 -12.62 16.09
O4' ADP E . 5.96 -12.88 17.02
C3' ADP E . 4.45 -11.17 16.39
O3' ADP E . 3.14 -10.95 16.01
C2' ADP E . 4.57 -11.14 17.91
O2' ADP E . 3.42 -11.70 18.48
C1' ADP E . 5.71 -12.05 18.19
N9 ADP E . 6.97 -11.30 18.40
C8 ADP E . 7.99 -11.13 17.57
N7 ADP E . 8.98 -10.46 18.12
C5 ADP E . 8.65 -10.31 19.41
C6 ADP E . 9.34 -9.72 20.55
N6 ADP E . 10.52 -9.18 20.42
N1 ADP E . 8.63 -9.66 21.67
C2 ADP E . 7.38 -10.16 21.77
N3 ADP E . 6.70 -10.76 20.76
C4 ADP E . 7.32 -10.73 19.59
S SO4 F . 11.01 3.26 7.73
O1 SO4 F . 11.09 3.92 6.41
O2 SO4 F . 10.26 4.04 8.76
O3 SO4 F . 12.46 3.18 8.05
O4 SO4 F . 10.38 1.88 7.61
S SO4 G . -10.94 13.47 -1.20
O1 SO4 G . -11.78 13.93 -2.33
O2 SO4 G . -10.47 14.70 -0.51
O3 SO4 G . -11.74 12.68 -0.26
O4 SO4 G . -9.82 12.72 -1.78
S SO4 H . 0.62 -21.35 27.75
O1 SO4 H . 1.55 -20.53 26.93
O2 SO4 H . 0.98 -21.13 29.16
O3 SO4 H . -0.79 -20.95 27.50
O4 SO4 H . 0.77 -22.79 27.41
S SO4 I . 5.49 -22.36 7.84
O1 SO4 I . 6.42 -21.90 6.78
O2 SO4 I . 4.65 -21.24 8.28
O3 SO4 I . 4.56 -23.39 7.33
O4 SO4 I . 6.25 -22.91 9.01
PB ADP J . -8.14 -8.71 -11.39
O1B ADP J . -8.78 -7.69 -12.27
O2B ADP J . -7.41 -8.18 -10.11
O3B ADP J . -7.28 -9.67 -12.02
PA ADP J . -10.90 -9.80 -11.22
O1A ADP J . -11.60 -8.49 -11.39
O2A ADP J . -11.41 -10.74 -10.13
O3A ADP J . -9.36 -9.69 -10.83
O5' ADP J . -10.84 -10.51 -12.65
C5' ADP J . -10.40 -11.87 -12.69
C4' ADP J . -9.84 -12.10 -14.05
O4' ADP J . -10.92 -12.13 -14.99
C3' ADP J . -8.85 -11.02 -14.50
O3' ADP J . -7.52 -11.34 -14.15
C2' ADP J . -8.99 -11.21 -16.02
O2' ADP J . -8.24 -12.35 -16.49
C1' ADP J . -10.42 -11.59 -16.22
N9 ADP J . -11.36 -10.50 -16.61
C8 ADP J . -12.21 -9.82 -15.85
N7 ADP J . -12.93 -8.90 -16.51
C5 ADP J . -12.58 -9.11 -17.79
C6 ADP J . -13.00 -8.49 -19.03
N6 ADP J . -13.93 -7.55 -19.01
N1 ADP J . -12.36 -8.93 -20.13
C2 ADP J . -11.40 -9.84 -20.12
N3 ADP J . -10.95 -10.45 -19.00
C4 ADP J . -11.53 -10.07 -17.87
S SO4 K . 15.33 7.82 -0.65
O1 SO4 K . 15.41 9.30 -0.77
O2 SO4 K . 16.67 7.21 -0.48
O3 SO4 K . 14.73 7.28 -1.88
O4 SO4 K . 14.49 7.45 0.51
S SO4 L . -9.13 5.83 -8.67
O1 SO4 L . -8.02 6.07 -9.67
O2 SO4 L . -9.21 6.86 -7.58
O3 SO4 L . -10.41 5.84 -9.42
O4 SO4 L . -8.94 4.46 -8.04
S SO4 M . -13.88 -19.42 -4.28
O1 SO4 M . -13.82 -17.96 -4.11
O2 SO4 M . -12.48 -19.90 -4.54
O3 SO4 M . -14.75 -19.83 -5.42
O4 SO4 M . -14.46 -19.94 -3.03
S SO4 N . -11.01 -7.41 14.77
O1 SO4 N . -9.57 -7.12 14.50
O2 SO4 N . -11.46 -6.74 16.01
O3 SO4 N . -11.15 -8.86 15.01
O4 SO4 N . -11.78 -6.93 13.58
S SO4 O . -6.76 4.09 14.56
O1 SO4 O . -7.03 4.70 13.26
O2 SO4 O . -5.73 4.86 15.25
O3 SO4 O . -8.05 3.82 15.20
O4 SO4 O . -6.07 2.85 14.21
S SO4 P . 4.09 8.17 15.26
O1 SO4 P . 5.51 8.56 15.12
O2 SO4 P . 3.25 9.04 14.40
O3 SO4 P . 3.92 6.77 14.84
O4 SO4 P . 3.66 8.32 16.66
S SO4 Q . -16.54 9.07 6.38
O1 SO4 Q . -17.60 9.69 7.26
O2 SO4 Q . -15.54 10.14 6.32
O3 SO4 Q . -17.07 8.65 5.07
O4 SO4 Q . -15.96 7.89 6.97
S SO4 R . -25.43 14.89 11.82
O1 SO4 R . -26.44 15.76 11.14
O2 SO4 R . -24.15 14.96 11.08
O3 SO4 R . -25.87 13.47 11.78
O4 SO4 R . -25.31 15.35 13.24
S SO4 S . -23.56 24.02 10.72
O1 SO4 S . -24.11 25.00 9.75
O2 SO4 S . -22.09 24.19 10.75
O3 SO4 S . -24.12 24.25 12.07
O4 SO4 S . -23.89 22.65 10.23
S SO4 T . 13.31 -13.01 -9.18
O1 SO4 T . 13.37 -11.95 -10.23
O2 SO4 T . 14.66 -13.15 -8.58
O3 SO4 T . 12.28 -12.71 -8.14
O4 SO4 T . 12.86 -14.29 -9.80
S SO4 U . 6.92 -13.46 -13.28
O1 SO4 U . 7.83 -12.86 -14.29
O2 SO4 U . 5.87 -12.49 -12.87
O3 SO4 U . 6.28 -14.66 -13.89
O4 SO4 U . 7.69 -13.75 -12.04
S SO4 V . -1.41 6.69 -16.48
O1 SO4 V . -2.64 7.44 -16.26
O2 SO4 V . -0.42 7.32 -15.68
O3 SO4 V . -1.01 6.66 -17.99
O4 SO4 V . -1.38 5.34 -15.92
S SO4 W . 7.37 -1.27 -14.86
O1 SO4 W . 6.62 -0.48 -15.85
O2 SO4 W . 7.93 -0.43 -13.85
O3 SO4 W . 6.41 -2.13 -14.18
O4 SO4 W . 8.38 -2.16 -15.39
S SO4 X . 18.34 0.55 -7.11
O1 SO4 X . 17.58 1.81 -7.26
O2 SO4 X . 19.64 0.84 -7.82
O3 SO4 X . 17.54 -0.50 -7.77
O4 SO4 X . 18.56 0.12 -5.71
S SO4 Y . 30.43 11.41 -13.68
O1 SO4 Y . 29.23 12.23 -14.02
O2 SO4 Y . 31.32 12.19 -12.80
O3 SO4 Y . 31.13 11.03 -14.94
O4 SO4 Y . 30.08 10.16 -12.96
#